data_1HL9
#
_entry.id   1HL9
#
_cell.length_a   172.157
_cell.length_b   172.157
_cell.length_c   167.331
_cell.angle_alpha   90.00
_cell.angle_beta   90.00
_cell.angle_gamma   120.00
#
_symmetry.space_group_name_H-M   'H 3 2'
#
loop_
_entity.id
_entity.type
_entity.pdbx_description
1 polymer 'PUTATIVE ALPHA-L-FUCOSIDASE'
2 non-polymer 2-deoxy-2-fluoro-beta-L-fucopyranose
3 water water
#
_entity_poly.entity_id   1
_entity_poly.type   'polypeptide(L)'
_entity_poly.pdbx_seq_one_letter_code
;MISMKPRYKPDWESLREHTVPKWFDKAKFGIFIHWGIYSVPGWATPTGELGKVPMDAWFFQNPYAEWYENSLRIKESPTW
EYHVKTYGENFEYEKFADLFTAEKWDPQEWADLFKKAGAKYVIPTTKHHDGFCLWGTKYTDFNSVKRGPKRDLVGDLAKA
VREAGLRFGVYYSGGLDWRFTTEPIRYPEDLSYIRPNTYEYADYAYKQVMELVDLYLPDVLWNDMGWPEKGKEDLKYLFA
YYYNKHPEGSVNDRWGVPHWDFKTAEYHVNYPGDLPGYKWEFTRGIGLSFGYNRNEGPEHMLSVEQLVYTLVDVVSKGGN
LLLNVGPKGDGTIPDLQ(KCX)ERLLGLGEWLRKYGDAIYGTSVWERCCAKTEDGTEIRFTRKCNRIFVIFLGIPTGEKI
VIEDLNLSAGTVRHFLTGERLSFKNVGKNLEITVPKKLLETDSITLVLEAVEE
;
_entity_poly.pdbx_strand_id   A,B
#
loop_
_chem_comp.id
_chem_comp.type
_chem_comp.name
_chem_comp.formula
FUF L-saccharide, beta linking 2-deoxy-2-fluoro-beta-L-fucopyranose 'C6 H11 F O4'
#
# COMPACT_ATOMS: atom_id res chain seq x y z
N ARG A 7 40.28 2.78 -3.66
CA ARG A 7 39.57 2.22 -4.84
C ARG A 7 38.36 1.38 -4.38
N TYR A 8 37.25 1.51 -5.09
CA TYR A 8 36.05 0.74 -4.80
C TYR A 8 36.01 -0.51 -5.67
N LYS A 9 35.51 -1.60 -5.10
CA LYS A 9 35.32 -2.88 -5.79
C LYS A 9 33.84 -3.03 -6.08
N PRO A 10 33.50 -3.83 -7.08
CA PRO A 10 32.10 -4.02 -7.50
C PRO A 10 31.34 -5.00 -6.61
N ASP A 11 31.24 -4.68 -5.32
CA ASP A 11 30.34 -5.38 -4.43
C ASP A 11 29.74 -4.36 -3.48
N TRP A 12 28.60 -4.71 -2.89
CA TRP A 12 27.84 -3.73 -2.10
C TRP A 12 28.56 -3.40 -0.82
N GLU A 13 29.23 -4.39 -0.22
CA GLU A 13 29.93 -4.16 1.05
C GLU A 13 31.07 -3.12 0.86
N SER A 14 31.74 -3.16 -0.29
CA SER A 14 32.78 -2.18 -0.61
C SER A 14 32.21 -0.82 -1.00
N LEU A 15 31.15 -0.82 -1.80
CA LEU A 15 30.58 0.43 -2.28
C LEU A 15 29.95 1.27 -1.16
N ARG A 16 29.64 0.63 -0.03
CA ARG A 16 29.16 1.32 1.17
C ARG A 16 30.24 2.27 1.75
N GLU A 17 31.51 2.04 1.43
CA GLU A 17 32.59 2.94 1.83
C GLU A 17 32.45 4.32 1.18
N HIS A 18 31.74 4.38 0.04
CA HIS A 18 31.43 5.66 -0.60
C HIS A 18 30.26 6.41 0.08
N THR A 19 30.58 7.21 1.08
CA THR A 19 29.57 7.97 1.79
C THR A 19 29.10 9.14 0.92
N VAL A 20 27.99 9.76 1.28
CA VAL A 20 27.50 10.85 0.48
C VAL A 20 28.59 11.94 0.45
N PRO A 21 28.99 12.40 -0.72
CA PRO A 21 30.05 13.40 -0.80
C PRO A 21 29.67 14.67 -0.06
N LYS A 22 30.65 15.30 0.57
CA LYS A 22 30.42 16.44 1.43
C LYS A 22 29.85 17.65 0.68
N TRP A 23 30.23 17.84 -0.58
CA TRP A 23 29.68 18.96 -1.35
C TRP A 23 28.16 18.82 -1.48
N PHE A 24 27.65 17.58 -1.59
CA PHE A 24 26.20 17.37 -1.79
C PHE A 24 25.46 17.63 -0.47
N ASP A 25 26.02 17.15 0.63
CA ASP A 25 25.52 17.42 1.98
C ASP A 25 25.36 18.92 2.25
N LYS A 26 26.38 19.69 1.85
CA LYS A 26 26.43 21.14 2.06
C LYS A 26 25.69 21.99 1.00
N ALA A 27 25.40 21.41 -0.16
CA ALA A 27 24.82 22.12 -1.30
C ALA A 27 23.44 22.70 -1.01
N LYS A 28 22.57 21.86 -0.45
CA LYS A 28 21.20 22.20 -0.04
C LYS A 28 20.18 22.49 -1.16
N PHE A 29 20.63 23.03 -2.29
CA PHE A 29 19.73 23.52 -3.31
C PHE A 29 20.30 23.21 -4.68
N GLY A 30 19.52 22.52 -5.49
CA GLY A 30 19.88 22.22 -6.86
C GLY A 30 18.71 22.51 -7.79
N ILE A 31 19.00 22.56 -9.09
CA ILE A 31 17.99 22.82 -10.11
C ILE A 31 17.84 21.58 -10.99
N PHE A 32 16.63 21.04 -11.06
CA PHE A 32 16.22 20.03 -12.04
C PHE A 32 15.84 20.73 -13.33
N ILE A 33 16.06 20.10 -14.49
CA ILE A 33 15.55 20.63 -15.75
C ILE A 33 14.90 19.51 -16.53
N HIS A 34 13.58 19.62 -16.72
CA HIS A 34 12.83 18.69 -17.53
C HIS A 34 12.55 19.34 -18.88
N TRP A 35 13.30 18.87 -19.87
CA TRP A 35 13.38 19.44 -21.19
C TRP A 35 13.54 18.34 -22.20
N GLY A 36 12.75 18.39 -23.26
CA GLY A 36 12.78 17.41 -24.33
C GLY A 36 11.72 17.68 -25.36
N ILE A 37 11.44 16.73 -26.24
CA ILE A 37 10.48 16.94 -27.31
C ILE A 37 9.04 17.11 -26.79
N TYR A 38 8.75 16.55 -25.62
CA TYR A 38 7.48 16.84 -24.92
C TYR A 38 7.26 18.33 -24.58
N SER A 39 8.34 19.08 -24.45
CA SER A 39 8.30 20.53 -24.26
C SER A 39 7.66 21.26 -25.46
N VAL A 40 7.76 20.68 -26.65
CA VAL A 40 7.20 21.32 -27.85
C VAL A 40 5.68 21.50 -27.76
N PRO A 41 4.91 20.43 -27.59
CA PRO A 41 3.48 20.58 -27.31
C PRO A 41 3.23 21.21 -25.95
N GLY A 42 4.06 20.88 -24.98
CA GLY A 42 4.02 21.45 -23.65
C GLY A 42 2.61 21.62 -23.11
N TRP A 43 1.91 20.50 -22.94
CA TRP A 43 0.52 20.51 -22.51
C TRP A 43 0.14 19.31 -21.64
N ALA A 44 -0.57 19.60 -20.55
CA ALA A 44 -1.18 18.60 -19.66
C ALA A 44 -2.49 19.20 -19.11
N THR A 45 -3.31 18.37 -18.48
CA THR A 45 -4.66 18.79 -18.04
C THR A 45 -4.64 19.78 -16.86
N PRO A 46 -5.74 20.52 -16.67
CA PRO A 46 -5.84 21.52 -15.58
C PRO A 46 -5.75 20.93 -14.16
N ASP A 56 -7.98 7.78 -8.63
CA ASP A 56 -7.09 6.74 -9.15
C ASP A 56 -6.99 6.72 -10.68
N ALA A 57 -7.49 7.79 -11.32
CA ALA A 57 -7.36 7.96 -12.77
C ALA A 57 -6.27 9.00 -13.06
N TRP A 58 -5.15 8.86 -12.36
CA TRP A 58 -4.02 9.80 -12.47
C TRP A 58 -3.39 9.78 -13.87
N PHE A 59 -3.35 8.62 -14.52
CA PHE A 59 -2.73 8.48 -15.83
C PHE A 59 -3.67 8.86 -16.98
N PHE A 60 -4.97 8.80 -16.72
CA PHE A 60 -5.98 9.26 -17.66
C PHE A 60 -6.00 10.79 -17.74
N GLN A 61 -5.76 11.45 -16.61
CA GLN A 61 -5.80 12.92 -16.53
C GLN A 61 -4.49 13.40 -15.97
N ASN A 62 -3.40 13.06 -16.67
CA ASN A 62 -2.05 13.32 -16.19
C ASN A 62 -1.72 14.80 -16.32
N PRO A 63 -1.38 15.45 -15.20
CA PRO A 63 -0.95 16.86 -15.23
C PRO A 63 0.55 17.04 -15.48
N TYR A 64 1.28 15.94 -15.65
CA TYR A 64 2.70 16.03 -15.95
C TYR A 64 2.85 16.07 -17.46
N ALA A 65 3.31 17.20 -17.97
CA ALA A 65 3.45 17.43 -19.41
C ALA A 65 4.48 16.51 -20.05
N GLU A 66 5.47 16.06 -19.26
CA GLU A 66 6.51 15.13 -19.72
C GLU A 66 5.95 13.78 -20.08
N TRP A 67 4.80 13.44 -19.51
CA TRP A 67 4.13 12.17 -19.76
C TRP A 67 3.23 12.19 -21.00
N TYR A 68 3.37 13.23 -21.82
CA TYR A 68 2.51 13.50 -22.96
C TYR A 68 2.32 12.26 -23.85
N GLU A 69 3.41 11.60 -24.21
CA GLU A 69 3.35 10.41 -25.07
C GLU A 69 2.48 9.33 -24.47
N ASN A 70 2.66 9.07 -23.18
CA ASN A 70 1.83 8.10 -22.49
C ASN A 70 0.36 8.48 -22.53
N SER A 71 0.05 9.73 -22.20
CA SER A 71 -1.32 10.22 -22.23
C SER A 71 -1.93 10.14 -23.63
N LEU A 72 -1.12 10.42 -24.65
CA LEU A 72 -1.56 10.36 -26.04
C LEU A 72 -1.91 8.94 -26.47
N ARG A 73 -1.16 7.96 -25.97
CA ARG A 73 -1.40 6.55 -26.30
C ARG A 73 -2.70 6.03 -25.68
N ILE A 74 -3.20 6.75 -24.68
CA ILE A 74 -4.53 6.48 -24.11
C ILE A 74 -5.59 7.20 -24.94
N LYS A 75 -6.25 6.46 -25.83
CA LYS A 75 -7.27 7.01 -26.72
C LYS A 75 -8.36 7.74 -25.91
N GLU A 76 -8.85 8.85 -26.47
CA GLU A 76 -9.95 9.63 -25.89
C GLU A 76 -9.61 10.35 -24.57
N SER A 77 -8.35 10.32 -24.16
CA SER A 77 -7.94 11.06 -22.95
C SER A 77 -7.81 12.54 -23.32
N PRO A 78 -7.83 13.43 -22.34
CA PRO A 78 -7.68 14.87 -22.58
C PRO A 78 -6.50 15.25 -23.48
N THR A 79 -5.36 14.57 -23.31
CA THR A 79 -4.19 14.76 -24.17
C THR A 79 -4.42 14.26 -25.60
N TRP A 80 -5.06 13.10 -25.75
CA TRP A 80 -5.40 12.59 -27.09
C TRP A 80 -6.29 13.57 -27.85
N GLU A 81 -7.22 14.22 -27.14
CA GLU A 81 -8.15 15.17 -27.76
C GLU A 81 -7.43 16.42 -28.24
N TYR A 82 -6.57 16.95 -27.38
CA TYR A 82 -5.79 18.15 -27.69
C TYR A 82 -4.89 17.93 -28.91
N HIS A 83 -4.30 16.75 -28.98
CA HIS A 83 -3.36 16.38 -30.04
C HIS A 83 -4.08 16.20 -31.37
N VAL A 84 -5.32 15.72 -31.32
CA VAL A 84 -6.10 15.43 -32.53
C VAL A 84 -6.77 16.71 -33.07
N LYS A 85 -6.55 17.83 -32.40
CA LYS A 85 -7.02 19.13 -32.85
C LYS A 85 -5.83 19.95 -33.33
N THR A 86 -4.79 19.98 -32.51
CA THR A 86 -3.66 20.86 -32.69
C THR A 86 -2.68 20.33 -33.75
N TYR A 87 -2.48 19.01 -33.76
CA TYR A 87 -1.48 18.39 -34.62
C TYR A 87 -2.01 17.30 -35.58
N GLY A 88 -3.19 16.76 -35.29
CA GLY A 88 -3.75 15.64 -36.04
C GLY A 88 -3.52 14.26 -35.41
N GLU A 89 -4.43 13.34 -35.72
CA GLU A 89 -4.36 11.95 -35.20
C GLU A 89 -3.18 11.15 -35.76
N ASN A 90 -2.84 11.36 -37.03
CA ASN A 90 -1.68 10.69 -37.67
C ASN A 90 -0.33 11.41 -37.46
N PHE A 91 -0.30 12.42 -36.60
CA PHE A 91 0.96 13.01 -36.18
C PHE A 91 1.53 12.16 -35.06
N GLU A 92 2.59 11.41 -35.36
CA GLU A 92 3.25 10.56 -34.36
C GLU A 92 4.04 11.42 -33.38
N TYR A 93 4.07 11.01 -32.11
CA TYR A 93 4.76 11.78 -31.06
C TYR A 93 6.26 11.96 -31.36
N GLU A 94 6.89 10.93 -31.90
CA GLU A 94 8.31 10.98 -32.28
C GLU A 94 8.66 12.09 -33.28
N LYS A 95 7.68 12.57 -34.04
CA LYS A 95 7.91 13.65 -34.99
C LYS A 95 8.08 15.02 -34.32
N PHE A 96 7.64 15.15 -33.07
CA PHE A 96 7.97 16.34 -32.27
C PHE A 96 9.48 16.60 -32.22
N ALA A 97 10.29 15.55 -32.30
CA ALA A 97 11.74 15.70 -32.41
C ALA A 97 12.22 16.64 -33.53
N ASP A 98 11.46 16.76 -34.61
CA ASP A 98 11.81 17.67 -35.70
C ASP A 98 11.39 19.09 -35.42
N LEU A 99 10.40 19.26 -34.56
CA LEU A 99 9.93 20.59 -34.16
C LEU A 99 10.74 21.14 -32.97
N PHE A 100 11.51 20.28 -32.30
CA PHE A 100 12.31 20.67 -31.14
C PHE A 100 13.63 21.24 -31.62
N THR A 101 13.66 22.53 -31.91
CA THR A 101 14.86 23.14 -32.49
C THR A 101 15.71 23.96 -31.50
N ALA A 102 15.13 24.33 -30.36
CA ALA A 102 15.87 25.05 -29.32
C ALA A 102 16.61 26.28 -29.88
N GLU A 103 15.90 27.08 -30.68
CA GLU A 103 16.49 28.19 -31.43
C GLU A 103 17.05 29.31 -30.57
N LYS A 104 16.41 29.56 -29.41
CA LYS A 104 16.79 30.64 -28.51
C LYS A 104 17.51 30.12 -27.25
N TRP A 105 18.09 28.94 -27.36
CA TRP A 105 18.78 28.33 -26.22
C TRP A 105 20.16 28.97 -26.04
N ASP A 106 20.42 29.42 -24.81
CA ASP A 106 21.71 29.93 -24.43
C ASP A 106 22.07 29.28 -23.10
N PRO A 107 22.87 28.21 -23.13
CA PRO A 107 23.21 27.48 -21.91
C PRO A 107 23.91 28.37 -20.87
N GLN A 108 24.62 29.40 -21.34
CA GLN A 108 25.21 30.41 -20.47
C GLN A 108 24.16 31.21 -19.67
N GLU A 109 23.08 31.64 -20.32
CA GLU A 109 21.93 32.28 -19.63
C GLU A 109 21.40 31.33 -18.55
N TRP A 110 21.17 30.08 -18.91
CA TRP A 110 20.70 29.10 -17.95
C TRP A 110 21.67 28.99 -16.76
N ALA A 111 22.95 28.78 -17.07
CA ALA A 111 23.98 28.60 -16.04
C ALA A 111 24.00 29.79 -15.08
N ASP A 112 23.76 30.96 -15.62
CA ASP A 112 23.91 32.18 -14.84
C ASP A 112 22.71 32.45 -13.97
N LEU A 113 21.52 32.21 -14.51
CA LEU A 113 20.29 32.29 -13.74
C LEU A 113 20.33 31.33 -12.53
N PHE A 114 20.83 30.11 -12.73
CA PHE A 114 20.89 29.11 -11.67
C PHE A 114 21.88 29.48 -10.58
N LYS A 115 23.00 30.07 -11.00
CA LYS A 115 23.99 30.57 -10.05
C LYS A 115 23.39 31.68 -9.21
N LYS A 116 22.70 32.61 -9.87
CA LYS A 116 22.08 33.74 -9.19
C LYS A 116 20.96 33.27 -8.27
N ALA A 117 20.28 32.18 -8.61
CA ALA A 117 19.19 31.66 -7.77
C ALA A 117 19.72 31.04 -6.46
N GLY A 118 21.03 30.81 -6.40
CA GLY A 118 21.66 30.25 -5.22
C GLY A 118 21.85 28.77 -5.31
N ALA A 119 21.53 28.19 -6.47
CA ALA A 119 21.70 26.77 -6.71
C ALA A 119 23.18 26.37 -6.72
N LYS A 120 23.46 25.14 -6.34
CA LYS A 120 24.83 24.65 -6.28
C LYS A 120 25.07 23.49 -7.24
N TYR A 121 23.99 22.89 -7.73
CA TYR A 121 24.12 21.87 -8.77
C TYR A 121 22.93 21.93 -9.72
N VAL A 122 23.13 21.38 -10.93
CA VAL A 122 22.15 21.42 -12.01
C VAL A 122 22.04 20.03 -12.63
N ILE A 123 20.83 19.54 -12.85
CA ILE A 123 20.60 18.19 -13.38
C ILE A 123 19.52 18.21 -14.46
N PRO A 124 19.91 18.13 -15.72
CA PRO A 124 18.94 17.98 -16.81
C PRO A 124 18.56 16.52 -17.10
N THR A 125 17.35 16.34 -17.60
CA THR A 125 16.89 15.08 -18.15
C THR A 125 17.72 14.80 -19.40
N THR A 126 18.60 13.80 -19.35
CA THR A 126 19.35 13.37 -20.54
C THR A 126 18.50 12.48 -21.43
N LYS A 127 17.62 11.71 -20.80
CA LYS A 127 16.65 10.86 -21.46
C LYS A 127 15.49 10.62 -20.50
N HIS A 128 14.30 11.08 -20.87
CA HIS A 128 13.12 10.86 -20.05
C HIS A 128 12.41 9.60 -20.56
N HIS A 129 11.19 9.35 -20.09
CA HIS A 129 10.53 8.08 -20.36
C HIS A 129 10.30 7.86 -21.85
N ASP A 130 10.23 8.94 -22.64
CA ASP A 130 9.96 8.85 -24.08
C ASP A 130 11.14 8.33 -24.90
N GLY A 131 12.30 8.22 -24.26
CA GLY A 131 13.45 7.59 -24.87
C GLY A 131 14.32 8.51 -25.74
N PHE A 132 13.92 9.76 -25.88
CA PHE A 132 14.68 10.74 -26.65
C PHE A 132 15.88 11.22 -25.84
N CYS A 133 17.06 11.15 -26.45
CA CYS A 133 18.31 11.45 -25.77
C CYS A 133 18.82 12.85 -26.14
N LEU A 134 19.17 13.65 -25.12
CA LEU A 134 19.60 15.02 -25.35
C LEU A 134 21.13 15.14 -25.54
N TRP A 135 21.78 14.01 -25.83
CA TRP A 135 23.18 14.03 -26.24
C TRP A 135 23.40 13.14 -27.46
N GLY A 136 24.62 13.22 -28.03
CA GLY A 136 24.98 12.50 -29.23
C GLY A 136 25.37 11.05 -28.98
N THR A 137 24.47 10.30 -28.37
CA THR A 137 24.69 8.90 -28.03
C THR A 137 24.86 8.03 -29.27
N LYS A 138 25.68 6.99 -29.14
CA LYS A 138 25.96 6.11 -30.26
C LYS A 138 25.03 4.91 -30.32
N TYR A 139 24.11 4.80 -29.36
CA TYR A 139 23.25 3.61 -29.28
C TYR A 139 21.81 3.82 -29.76
N THR A 140 21.48 5.06 -30.14
CA THR A 140 20.23 5.37 -30.87
C THR A 140 20.36 6.67 -31.69
N ASP A 141 19.62 6.72 -32.81
CA ASP A 141 19.55 7.93 -33.65
C ASP A 141 18.49 8.89 -33.15
N PHE A 142 17.70 8.46 -32.17
CA PHE A 142 16.62 9.25 -31.62
C PHE A 142 17.19 10.18 -30.56
N ASN A 143 17.94 11.18 -31.03
CA ASN A 143 18.67 12.09 -30.14
C ASN A 143 18.76 13.53 -30.69
N SER A 144 19.27 14.45 -29.89
CA SER A 144 19.25 15.89 -30.23
C SER A 144 20.38 16.33 -31.16
N VAL A 145 21.34 15.45 -31.42
CA VAL A 145 22.39 15.71 -32.39
C VAL A 145 21.94 15.30 -33.81
N LYS A 146 21.27 14.16 -33.92
CA LYS A 146 20.79 13.67 -35.22
C LYS A 146 19.47 14.32 -35.66
N ARG A 147 18.69 14.77 -34.68
CA ARG A 147 17.37 15.33 -34.91
C ARG A 147 17.23 16.67 -34.21
N GLY A 148 16.19 17.41 -34.58
CA GLY A 148 15.79 18.60 -33.88
C GLY A 148 16.84 19.69 -33.78
N PRO A 149 17.42 19.88 -32.58
CA PRO A 149 18.38 20.98 -32.38
C PRO A 149 19.70 20.79 -33.11
N LYS A 150 20.02 19.57 -33.49
CA LYS A 150 21.32 19.24 -34.10
C LYS A 150 22.48 19.67 -33.17
N ARG A 151 22.32 19.41 -31.87
CA ARG A 151 23.21 19.93 -30.83
C ARG A 151 23.32 18.96 -29.64
N ASP A 152 24.53 18.83 -29.09
CA ASP A 152 24.73 18.10 -27.85
C ASP A 152 24.28 18.99 -26.69
N LEU A 153 23.00 18.91 -26.34
CA LEU A 153 22.44 19.75 -25.28
C LEU A 153 23.04 19.46 -23.90
N VAL A 154 23.35 18.20 -23.64
CA VAL A 154 23.87 17.77 -22.34
C VAL A 154 25.31 18.29 -22.18
N GLY A 155 26.10 18.08 -23.22
CA GLY A 155 27.48 18.51 -23.24
C GLY A 155 27.64 20.01 -23.14
N ASP A 156 26.81 20.78 -23.83
CA ASP A 156 26.97 22.24 -23.84
C ASP A 156 26.49 22.85 -22.53
N LEU A 157 25.48 22.25 -21.92
CA LEU A 157 24.98 22.71 -20.63
C LEU A 157 25.96 22.38 -19.51
N ALA A 158 26.56 21.20 -19.56
CA ALA A 158 27.58 20.80 -18.60
C ALA A 158 28.76 21.78 -18.59
N LYS A 159 29.25 22.11 -19.78
CA LYS A 159 30.33 23.10 -19.91
C LYS A 159 29.92 24.43 -19.32
N ALA A 160 28.72 24.90 -19.63
CA ALA A 160 28.24 26.20 -19.14
C ALA A 160 28.04 26.17 -17.63
N VAL A 161 27.51 25.07 -17.13
CA VAL A 161 27.21 24.95 -15.71
C VAL A 161 28.54 24.95 -14.91
N ARG A 162 29.53 24.21 -15.40
CA ARG A 162 30.83 24.11 -14.74
C ARG A 162 31.65 25.38 -14.83
N GLU A 163 31.51 26.12 -15.94
CA GLU A 163 32.22 27.39 -16.13
C GLU A 163 31.71 28.46 -15.17
N ALA A 164 30.43 28.32 -14.76
CA ALA A 164 29.82 29.19 -13.76
C ALA A 164 30.05 28.70 -12.32
N GLY A 165 30.75 27.57 -12.15
CA GLY A 165 31.19 27.13 -10.84
C GLY A 165 30.21 26.22 -10.13
N LEU A 166 29.24 25.69 -10.88
CA LEU A 166 28.23 24.80 -10.32
C LEU A 166 28.58 23.34 -10.67
N ARG A 167 28.15 22.43 -9.81
CA ARG A 167 28.22 21.00 -10.09
C ARG A 167 27.16 20.60 -11.11
N PHE A 168 27.49 19.60 -11.93
CA PHE A 168 26.62 19.15 -13.01
C PHE A 168 26.32 17.68 -12.86
N GLY A 169 25.04 17.33 -12.85
CA GLY A 169 24.62 15.95 -12.77
C GLY A 169 23.69 15.56 -13.90
N VAL A 170 23.29 14.29 -13.97
CA VAL A 170 22.45 13.80 -15.05
C VAL A 170 21.30 12.95 -14.56
N TYR A 171 20.12 13.20 -15.12
CA TYR A 171 18.94 12.37 -14.93
C TYR A 171 18.88 11.38 -16.10
N TYR A 172 18.56 10.13 -15.81
CA TYR A 172 18.38 9.11 -16.83
C TYR A 172 17.17 8.25 -16.46
N SER A 173 16.25 8.09 -17.41
CA SER A 173 15.09 7.23 -17.21
C SER A 173 15.46 5.80 -17.54
N GLY A 174 16.09 5.13 -16.57
CA GLY A 174 16.49 3.76 -16.74
C GLY A 174 15.33 2.77 -16.76
N GLY A 175 14.35 3.00 -15.88
CA GLY A 175 13.28 2.04 -15.66
C GLY A 175 12.20 2.06 -16.72
N LEU A 176 12.11 3.16 -17.46
CA LEU A 176 11.04 3.38 -18.41
C LEU A 176 11.59 3.95 -19.71
N ASP A 177 11.23 3.34 -20.83
CA ASP A 177 11.61 3.82 -22.14
C ASP A 177 10.54 3.39 -23.16
N TRP A 178 9.75 4.35 -23.60
CA TRP A 178 8.60 4.08 -24.46
C TRP A 178 8.93 3.83 -25.92
N ARG A 179 10.22 3.88 -26.25
CA ARG A 179 10.71 3.35 -27.52
C ARG A 179 10.71 1.82 -27.50
N PHE A 180 10.60 1.23 -26.31
CA PHE A 180 10.63 -0.23 -26.18
C PHE A 180 9.28 -0.85 -25.83
N THR A 181 8.29 -0.02 -25.53
CA THR A 181 6.95 -0.50 -25.21
C THR A 181 5.97 0.25 -26.10
N THR A 182 4.87 -0.41 -26.49
CA THR A 182 3.81 0.22 -27.27
C THR A 182 2.61 0.59 -26.39
N GLU A 183 2.40 -0.18 -25.33
CA GLU A 183 1.18 -0.07 -24.52
C GLU A 183 1.34 1.01 -23.45
N PRO A 184 0.35 1.90 -23.30
CA PRO A 184 0.40 2.96 -22.30
C PRO A 184 0.21 2.47 -20.88
N ILE A 185 0.82 3.18 -19.93
CA ILE A 185 0.49 3.04 -18.52
C ILE A 185 -0.87 3.70 -18.27
N ARG A 186 -1.84 2.93 -17.80
CA ARG A 186 -3.19 3.41 -17.50
C ARG A 186 -3.49 3.46 -16.00
N TYR A 187 -2.88 2.55 -15.26
CA TYR A 187 -3.01 2.45 -13.80
C TYR A 187 -1.61 2.20 -13.20
N PRO A 188 -1.42 2.46 -11.91
CA PRO A 188 -0.09 2.27 -11.29
C PRO A 188 0.47 0.84 -11.42
N GLU A 189 -0.38 -0.16 -11.28
CA GLU A 189 0.04 -1.57 -11.35
C GLU A 189 0.66 -1.93 -12.69
N ASP A 190 0.25 -1.22 -13.75
CA ASP A 190 0.84 -1.38 -15.08
C ASP A 190 2.35 -1.16 -15.10
N LEU A 191 2.86 -0.35 -14.16
CA LEU A 191 4.30 -0.15 -14.00
C LEU A 191 5.05 -1.44 -13.60
N SER A 192 4.36 -2.42 -13.03
CA SER A 192 5.00 -3.69 -12.70
C SER A 192 5.36 -4.58 -13.92
N TYR A 193 4.81 -4.30 -15.10
CA TYR A 193 5.08 -5.15 -16.27
C TYR A 193 5.29 -4.47 -17.63
N ILE A 194 4.72 -3.28 -17.81
CA ILE A 194 4.90 -2.52 -19.05
C ILE A 194 6.22 -1.77 -18.92
N ARG A 195 7.26 -2.55 -19.16
CA ARG A 195 8.66 -2.18 -19.07
C ARG A 195 9.34 -2.79 -20.28
N PRO A 196 10.48 -2.28 -20.72
CA PRO A 196 11.16 -2.88 -21.88
C PRO A 196 11.38 -4.39 -21.74
N ASN A 197 11.79 -4.82 -20.55
CA ASN A 197 11.86 -6.24 -20.14
C ASN A 197 12.94 -7.10 -20.80
N THR A 198 13.56 -6.60 -21.86
CA THR A 198 14.48 -7.43 -22.62
C THR A 198 15.91 -7.32 -22.08
N TYR A 199 16.73 -8.30 -22.40
CA TYR A 199 18.18 -8.19 -22.16
C TYR A 199 18.79 -7.06 -22.97
N GLU A 200 18.31 -6.87 -24.18
CA GLU A 200 18.76 -5.82 -25.08
C GLU A 200 18.60 -4.45 -24.41
N TYR A 201 17.47 -4.23 -23.75
CA TYR A 201 17.26 -2.95 -23.08
C TYR A 201 18.17 -2.79 -21.87
N ALA A 202 18.39 -3.87 -21.15
CA ALA A 202 19.31 -3.85 -20.01
C ALA A 202 20.71 -3.41 -20.45
N ASP A 203 21.21 -3.95 -21.56
CA ASP A 203 22.51 -3.56 -22.10
C ASP A 203 22.49 -2.11 -22.52
N TYR A 204 21.40 -1.71 -23.18
CA TYR A 204 21.27 -0.36 -23.71
C TYR A 204 21.36 0.66 -22.61
N ALA A 205 20.63 0.43 -21.53
CA ALA A 205 20.62 1.38 -20.40
C ALA A 205 22.00 1.46 -19.76
N TYR A 206 22.63 0.29 -19.57
CA TYR A 206 23.98 0.21 -18.98
C TYR A 206 24.97 0.96 -19.85
N LYS A 207 24.91 0.70 -21.16
CA LYS A 207 25.81 1.34 -22.11
C LYS A 207 25.60 2.86 -22.14
N GLN A 208 24.36 3.32 -21.99
CA GLN A 208 24.08 4.75 -22.05
C GLN A 208 24.57 5.47 -20.78
N VAL A 209 24.37 4.87 -19.62
CA VAL A 209 24.83 5.53 -18.40
C VAL A 209 26.36 5.54 -18.35
N MET A 210 26.99 4.50 -18.86
CA MET A 210 28.46 4.43 -18.97
C MET A 210 29.01 5.52 -19.89
N GLU A 211 28.24 5.80 -20.94
CA GLU A 211 28.55 6.83 -21.90
C GLU A 211 28.42 8.22 -21.28
N LEU A 212 27.41 8.42 -20.45
CA LEU A 212 27.26 9.68 -19.70
C LEU A 212 28.42 9.86 -18.72
N VAL A 213 28.87 8.75 -18.13
CA VAL A 213 30.00 8.78 -17.19
C VAL A 213 31.28 9.12 -17.95
N ASP A 214 31.51 8.44 -19.06
CA ASP A 214 32.74 8.62 -19.84
C ASP A 214 32.84 10.00 -20.47
N LEU A 215 31.72 10.51 -20.96
CA LEU A 215 31.66 11.78 -21.70
C LEU A 215 31.65 12.98 -20.77
N TYR A 216 30.90 12.89 -19.69
CA TYR A 216 30.59 14.10 -18.89
C TYR A 216 30.97 14.02 -17.42
N LEU A 217 31.40 12.85 -16.96
CA LEU A 217 31.78 12.63 -15.56
C LEU A 217 30.87 13.37 -14.58
N PRO A 218 29.56 13.09 -14.60
CA PRO A 218 28.63 13.87 -13.77
C PRO A 218 28.87 13.69 -12.27
N ASP A 219 28.44 14.68 -11.51
CA ASP A 219 28.61 14.70 -10.06
C ASP A 219 27.44 13.98 -9.39
N VAL A 220 26.36 13.77 -10.16
CA VAL A 220 25.20 13.01 -9.72
C VAL A 220 24.69 12.12 -10.84
N LEU A 221 24.37 10.87 -10.48
CA LEU A 221 23.67 9.96 -11.37
C LEU A 221 22.26 9.78 -10.80
N TRP A 222 21.28 10.39 -11.47
CA TRP A 222 19.91 10.49 -10.96
C TRP A 222 19.02 9.59 -11.82
N ASN A 223 18.91 8.33 -11.45
CA ASN A 223 18.05 7.41 -12.18
C ASN A 223 16.60 7.59 -11.74
N ASP A 224 15.70 7.23 -12.64
CA ASP A 224 14.26 7.27 -12.37
C ASP A 224 13.59 5.97 -12.76
N MET A 225 12.56 5.63 -12.01
CA MET A 225 11.60 4.54 -12.31
C MET A 225 12.20 3.14 -12.16
N GLY A 226 13.22 3.02 -11.32
CA GLY A 226 13.90 1.77 -11.13
C GLY A 226 14.89 1.48 -12.25
N TRP A 227 15.55 0.33 -12.13
CA TRP A 227 16.49 -0.16 -13.12
C TRP A 227 15.99 -1.53 -13.61
N PRO A 228 16.15 -1.84 -14.90
CA PRO A 228 15.66 -3.12 -15.43
C PRO A 228 16.24 -4.25 -14.60
N GLU A 229 15.38 -5.20 -14.25
CA GLU A 229 15.73 -6.34 -13.40
C GLU A 229 16.98 -7.09 -13.90
N LYS A 230 17.06 -7.29 -15.21
CA LYS A 230 18.13 -8.05 -15.84
C LYS A 230 19.46 -7.30 -15.79
N GLY A 231 19.39 -5.99 -15.56
CA GLY A 231 20.57 -5.18 -15.47
C GLY A 231 20.99 -4.77 -14.07
N LYS A 232 20.26 -5.20 -13.03
CA LYS A 232 20.59 -4.73 -11.67
C LYS A 232 22.00 -5.15 -11.21
N GLU A 233 22.44 -6.35 -11.61
CA GLU A 233 23.78 -6.82 -11.25
C GLU A 233 24.87 -6.03 -11.97
N ASP A 234 24.58 -5.42 -13.12
CA ASP A 234 25.52 -4.50 -13.75
C ASP A 234 25.87 -3.31 -12.86
N LEU A 235 24.96 -2.90 -12.00
CA LEU A 235 25.14 -1.65 -11.26
C LEU A 235 26.30 -1.69 -10.27
N LYS A 236 26.67 -2.84 -9.73
CA LYS A 236 27.80 -2.88 -8.82
C LYS A 236 29.11 -2.58 -9.57
N TYR A 237 29.17 -2.98 -10.84
CA TYR A 237 30.29 -2.66 -11.70
C TYR A 237 30.25 -1.18 -12.13
N LEU A 238 29.07 -0.69 -12.50
CA LEU A 238 28.93 0.68 -12.96
C LEU A 238 29.29 1.67 -11.84
N PHE A 239 28.87 1.37 -10.62
CA PHE A 239 29.08 2.29 -9.51
C PHE A 239 30.54 2.31 -9.15
N ALA A 240 31.18 1.14 -9.13
CA ALA A 240 32.59 1.04 -8.81
C ALA A 240 33.39 1.78 -9.86
N TYR A 241 33.02 1.59 -11.13
CA TYR A 241 33.67 2.26 -12.27
C TYR A 241 33.55 3.78 -12.17
N TYR A 242 32.34 4.23 -11.91
CA TYR A 242 32.01 5.64 -11.74
C TYR A 242 32.79 6.30 -10.62
N TYR A 243 32.73 5.68 -9.45
CA TYR A 243 33.34 6.21 -8.23
C TYR A 243 34.85 6.26 -8.34
N ASN A 244 35.43 5.28 -9.03
CA ASN A 244 36.87 5.21 -9.19
C ASN A 244 37.38 6.25 -10.18
N LYS A 245 36.59 6.56 -11.20
CA LYS A 245 36.92 7.64 -12.13
C LYS A 245 36.63 9.00 -11.51
N HIS A 246 35.62 9.05 -10.62
CA HIS A 246 35.06 10.31 -10.14
C HIS A 246 34.49 10.18 -8.72
N PRO A 247 35.38 10.10 -7.73
CA PRO A 247 35.00 9.87 -6.32
C PRO A 247 33.96 10.82 -5.71
N GLU A 248 33.92 12.07 -6.15
CA GLU A 248 32.94 13.03 -5.65
C GLU A 248 31.57 12.86 -6.29
N GLY A 249 31.46 11.92 -7.23
CA GLY A 249 30.19 11.54 -7.80
C GLY A 249 29.26 10.97 -6.75
N SER A 250 27.99 10.92 -7.10
CA SER A 250 26.93 10.52 -6.19
C SER A 250 25.79 9.87 -6.96
N VAL A 251 25.01 9.06 -6.25
CA VAL A 251 23.98 8.23 -6.86
C VAL A 251 22.72 8.32 -5.97
N ASN A 252 21.57 8.51 -6.60
CA ASN A 252 20.31 8.56 -5.89
C ASN A 252 19.87 7.12 -5.58
N ASP A 253 18.62 6.95 -5.18
CA ASP A 253 18.09 5.71 -4.65
C ASP A 253 16.95 5.10 -5.47
N ARG A 254 16.90 5.39 -6.76
CA ARG A 254 15.83 4.88 -7.61
C ARG A 254 16.34 3.85 -8.61
N TRP A 255 17.30 3.03 -8.17
CA TRP A 255 17.88 1.98 -9.00
C TRP A 255 17.44 0.58 -8.60
N GLY A 256 16.95 0.44 -7.37
CA GLY A 256 16.44 -0.83 -6.88
C GLY A 256 17.52 -1.75 -6.32
N VAL A 257 18.61 -1.19 -5.79
CA VAL A 257 19.73 -1.97 -5.27
C VAL A 257 20.16 -1.49 -3.89
N PRO A 258 20.94 -2.28 -3.17
CA PRO A 258 21.40 -1.89 -1.83
C PRO A 258 22.11 -0.55 -1.70
N HIS A 259 22.76 -0.02 -2.74
CA HIS A 259 23.61 1.14 -2.58
C HIS A 259 22.98 2.43 -3.11
N TRP A 260 22.96 3.46 -2.27
CA TRP A 260 22.65 4.82 -2.69
C TRP A 260 23.45 5.80 -1.84
N ASP A 261 23.65 7.01 -2.35
CA ASP A 261 24.30 8.10 -1.60
C ASP A 261 23.28 9.01 -0.93
N PHE A 262 22.11 9.18 -1.55
CA PHE A 262 21.00 9.90 -0.95
C PHE A 262 19.64 9.37 -1.44
N LYS A 263 18.62 9.49 -0.58
CA LYS A 263 17.26 9.11 -0.95
C LYS A 263 16.53 10.30 -1.61
N THR A 264 15.45 10.00 -2.31
CA THR A 264 14.66 11.00 -3.00
C THR A 264 13.23 10.93 -2.55
N ALA A 265 12.53 12.05 -2.65
CA ALA A 265 11.12 12.14 -2.32
C ALA A 265 10.47 13.15 -3.25
N GLU A 266 9.23 12.86 -3.65
CA GLU A 266 8.39 13.79 -4.39
C GLU A 266 7.13 14.05 -3.60
N LEU A 275 13.63 13.00 12.67
CA LEU A 275 14.77 13.45 11.86
C LEU A 275 15.53 12.26 11.31
N PRO A 276 15.64 12.13 9.99
CA PRO A 276 16.45 11.05 9.40
C PRO A 276 17.95 11.29 9.61
N GLY A 277 18.67 10.23 9.92
CA GLY A 277 20.11 10.30 10.05
C GLY A 277 20.79 10.39 8.70
N TYR A 278 20.04 10.14 7.64
CA TYR A 278 20.62 9.98 6.30
C TYR A 278 20.32 11.16 5.38
N LYS A 279 21.11 11.26 4.31
CA LYS A 279 20.92 12.29 3.32
C LYS A 279 19.83 11.92 2.33
N TRP A 280 19.02 12.92 1.99
CA TRP A 280 17.92 12.79 1.06
C TRP A 280 17.67 14.10 0.33
N GLU A 281 16.73 14.06 -0.60
CA GLU A 281 16.49 15.16 -1.52
C GLU A 281 15.02 15.20 -1.91
N PHE A 282 14.39 16.34 -1.70
CA PHE A 282 13.00 16.58 -2.09
C PHE A 282 13.03 17.22 -3.45
N THR A 283 12.20 16.76 -4.36
CA THR A 283 12.10 17.38 -5.67
C THR A 283 10.67 17.73 -5.99
N ARG A 284 10.52 18.88 -6.63
CA ARG A 284 9.24 19.34 -7.14
C ARG A 284 9.47 20.49 -8.12
N GLY A 285 8.47 20.77 -8.94
CA GLY A 285 8.52 21.88 -9.86
C GLY A 285 8.09 23.16 -9.19
N ILE A 286 8.41 24.29 -9.83
CA ILE A 286 7.96 25.58 -9.36
C ILE A 286 6.43 25.59 -9.42
N GLY A 287 5.88 24.94 -10.44
CA GLY A 287 4.46 24.61 -10.48
C GLY A 287 4.28 23.12 -10.28
N LEU A 288 3.27 22.56 -10.94
CA LEU A 288 2.90 21.16 -10.79
C LEU A 288 3.64 20.28 -11.81
N SER A 289 3.46 20.58 -13.09
CA SER A 289 4.12 19.83 -14.17
C SER A 289 5.62 20.05 -14.11
N PHE A 290 6.39 19.00 -14.33
CA PHE A 290 7.85 19.15 -14.46
C PHE A 290 8.20 19.70 -15.84
N GLY A 291 7.64 19.10 -16.89
CA GLY A 291 7.83 19.59 -18.24
C GLY A 291 6.95 20.79 -18.44
N TYR A 292 7.31 21.63 -19.42
CA TYR A 292 6.57 22.88 -19.63
C TYR A 292 5.11 22.58 -19.94
N ASN A 293 4.21 23.31 -19.28
CA ASN A 293 2.76 23.21 -19.50
C ASN A 293 2.13 24.59 -19.68
N ARG A 294 1.54 24.84 -20.85
CA ARG A 294 0.92 26.12 -21.18
C ARG A 294 -0.42 26.27 -20.47
N ASN A 295 -1.04 25.11 -20.24
CA ASN A 295 -2.40 24.98 -19.72
C ASN A 295 -2.36 24.82 -18.19
N GLU A 296 -1.57 25.65 -17.52
CA GLU A 296 -1.40 25.56 -16.07
C GLU A 296 -1.60 26.91 -15.42
N MET A 301 1.44 27.60 -8.96
CA MET A 301 2.80 28.12 -8.94
C MET A 301 3.17 28.71 -7.56
N LEU A 302 4.26 28.23 -7.00
CA LEU A 302 4.76 28.70 -5.73
C LEU A 302 5.25 30.15 -5.80
N SER A 303 4.82 30.97 -4.85
CA SER A 303 5.38 32.30 -4.67
C SER A 303 6.81 32.16 -4.18
N VAL A 304 7.54 33.28 -4.16
CA VAL A 304 8.91 33.30 -3.64
C VAL A 304 8.92 32.90 -2.16
N GLU A 305 7.98 33.43 -1.38
CA GLU A 305 7.73 33.01 0.02
C GLU A 305 7.64 31.50 0.18
N GLN A 306 6.82 30.89 -0.65
CA GLN A 306 6.55 29.44 -0.58
C GLN A 306 7.76 28.64 -0.95
N LEU A 307 8.55 29.13 -1.90
CA LEU A 307 9.77 28.45 -2.28
C LEU A 307 10.78 28.48 -1.13
N VAL A 308 10.91 29.63 -0.48
CA VAL A 308 11.81 29.79 0.65
C VAL A 308 11.42 28.87 1.80
N TYR A 309 10.14 28.86 2.17
CA TYR A 309 9.63 28.04 3.27
C TYR A 309 9.89 26.57 3.02
N THR A 310 9.73 26.16 1.76
CA THR A 310 10.00 24.81 1.30
C THR A 310 11.47 24.44 1.42
N LEU A 311 12.33 25.34 0.97
CA LEU A 311 13.78 25.14 1.05
C LEU A 311 14.16 24.92 2.51
N VAL A 312 13.70 25.84 3.36
CA VAL A 312 14.05 25.82 4.78
C VAL A 312 13.53 24.56 5.44
N ASP A 313 12.29 24.22 5.15
CA ASP A 313 11.67 23.01 5.67
C ASP A 313 12.47 21.78 5.29
N VAL A 314 12.87 21.69 4.02
CA VAL A 314 13.60 20.54 3.52
C VAL A 314 14.98 20.47 4.16
N VAL A 315 15.63 21.61 4.30
CA VAL A 315 16.99 21.66 4.84
C VAL A 315 17.01 21.32 6.31
N SER A 316 16.00 21.76 7.04
CA SER A 316 15.88 21.51 8.47
C SER A 316 15.71 20.03 8.78
N LYS A 317 15.23 19.27 7.80
CA LYS A 317 15.02 17.84 7.94
C LYS A 317 16.18 17.02 7.31
N GLY A 318 17.26 17.69 6.93
CA GLY A 318 18.44 16.98 6.40
C GLY A 318 18.48 16.86 4.89
N GLY A 319 17.54 17.51 4.21
CA GLY A 319 17.42 17.41 2.76
C GLY A 319 18.07 18.51 1.94
N ASN A 320 18.27 18.20 0.66
CA ASN A 320 18.46 19.22 -0.37
C ASN A 320 17.12 19.38 -1.10
N LEU A 321 16.82 20.60 -1.55
CA LEU A 321 15.75 20.84 -2.51
C LEU A 321 16.30 20.77 -3.94
N LEU A 322 15.70 19.93 -4.77
CA LEU A 322 15.98 19.87 -6.20
C LEU A 322 14.76 20.48 -6.88
N LEU A 323 14.91 21.73 -7.34
CA LEU A 323 13.79 22.51 -7.86
C LEU A 323 13.75 22.46 -9.38
N ASN A 324 12.63 22.04 -9.92
CA ASN A 324 12.47 21.87 -11.36
C ASN A 324 12.02 23.12 -12.12
N VAL A 325 12.72 23.38 -13.23
CA VAL A 325 12.26 24.30 -14.24
C VAL A 325 11.95 23.48 -15.49
N GLY A 326 10.83 23.79 -16.14
CA GLY A 326 10.44 23.18 -17.40
C GLY A 326 10.53 24.22 -18.53
N PRO A 327 11.64 24.25 -19.26
CA PRO A 327 11.80 25.23 -20.35
C PRO A 327 10.95 24.89 -21.57
N LYS A 328 10.87 25.86 -22.48
CA LYS A 328 10.08 25.73 -23.70
C LYS A 328 10.92 25.06 -24.78
N GLY A 329 10.26 24.64 -25.87
CA GLY A 329 10.94 24.04 -27.01
C GLY A 329 12.06 24.89 -27.57
N ASP A 330 11.88 26.21 -27.58
CA ASP A 330 12.92 27.14 -28.07
C ASP A 330 14.07 27.35 -27.08
N GLY A 331 13.95 26.76 -25.88
CA GLY A 331 15.00 26.78 -24.88
C GLY A 331 14.95 27.92 -23.87
N THR A 332 13.84 28.65 -23.85
CA THR A 332 13.67 29.76 -22.90
C THR A 332 12.90 29.29 -21.68
N ILE A 333 13.29 29.77 -20.51
CA ILE A 333 12.56 29.53 -19.27
C ILE A 333 11.57 30.67 -19.12
N PRO A 334 10.28 30.40 -18.92
CA PRO A 334 9.30 31.49 -18.86
C PRO A 334 9.62 32.49 -17.76
N ASP A 335 9.24 33.75 -17.95
CA ASP A 335 9.50 34.83 -17.00
C ASP A 335 9.14 34.46 -15.56
N LEU A 336 7.94 33.90 -15.37
CA LEU A 336 7.44 33.58 -14.03
C LEU A 336 8.43 32.72 -13.26
N GLN A 337 8.99 31.74 -13.94
CA GLN A 337 9.98 30.87 -13.34
C GLN A 337 11.32 31.59 -13.11
N KCX A 338 11.76 32.40 -14.08
CA KCX A 338 12.98 33.18 -13.94
CB KCX A 338 13.23 34.04 -15.19
CG KCX A 338 13.73 33.31 -16.44
CD KCX A 338 14.30 34.29 -17.49
CE KCX A 338 14.70 33.59 -18.81
NZ KCX A 338 16.09 33.04 -18.78
C KCX A 338 12.90 34.08 -12.70
O KCX A 338 13.83 34.13 -11.90
CX KCX A 338 16.56 32.14 -19.65
OQ1 KCX A 338 15.88 31.67 -20.58
OQ2 KCX A 338 17.73 31.77 -19.52
N GLU A 339 11.77 34.77 -12.54
CA GLU A 339 11.55 35.72 -11.45
C GLU A 339 11.57 35.04 -10.07
N ARG A 340 10.99 33.86 -9.96
CA ARG A 340 10.93 33.18 -8.66
C ARG A 340 12.29 32.64 -8.23
N LEU A 341 13.06 32.12 -9.19
CA LEU A 341 14.39 31.63 -8.88
C LEU A 341 15.26 32.77 -8.36
N LEU A 342 15.10 33.95 -8.95
CA LEU A 342 15.86 35.11 -8.54
C LEU A 342 15.44 35.60 -7.15
N GLY A 343 14.15 35.54 -6.85
CA GLY A 343 13.64 35.87 -5.53
C GLY A 343 14.23 34.94 -4.48
N LEU A 344 14.32 33.65 -4.80
CA LEU A 344 14.95 32.68 -3.92
C LEU A 344 16.40 33.03 -3.70
N GLY A 345 17.08 33.40 -4.78
CA GLY A 345 18.49 33.72 -4.73
C GLY A 345 18.81 34.94 -3.90
N GLU A 346 17.91 35.92 -3.89
CA GLU A 346 18.09 37.10 -3.06
C GLU A 346 17.91 36.76 -1.61
N TRP A 347 16.91 35.93 -1.30
CA TRP A 347 16.74 35.47 0.07
C TRP A 347 18.00 34.68 0.45
N LEU A 348 18.53 33.88 -0.48
CA LEU A 348 19.69 33.06 -0.20
C LEU A 348 20.98 33.89 -0.06
N ARG A 349 21.06 35.00 -0.78
CA ARG A 349 22.20 35.91 -0.61
C ARG A 349 22.22 36.47 0.82
N LYS A 350 21.04 36.71 1.39
CA LYS A 350 20.91 37.27 2.73
C LYS A 350 21.12 36.24 3.85
N TYR A 351 20.42 35.12 3.74
CA TYR A 351 20.34 34.14 4.82
C TYR A 351 21.08 32.82 4.53
N GLY A 352 21.93 32.82 3.50
CA GLY A 352 22.62 31.61 3.06
C GLY A 352 23.49 30.94 4.11
N ASP A 353 24.07 31.72 5.02
CA ASP A 353 24.88 31.17 6.10
C ASP A 353 24.07 30.28 7.06
N ALA A 354 22.76 30.49 7.15
CA ALA A 354 21.88 29.61 7.92
C ALA A 354 21.42 28.37 7.16
N ILE A 355 21.84 28.24 5.90
CA ILE A 355 21.38 27.15 5.04
C ILE A 355 22.55 26.32 4.53
N TYR A 356 23.44 26.91 3.74
CA TYR A 356 24.57 26.17 3.18
C TYR A 356 25.48 25.61 4.29
N GLY A 357 25.93 24.37 4.10
CA GLY A 357 26.92 23.77 4.99
C GLY A 357 26.40 23.44 6.38
N THR A 358 25.08 23.53 6.57
CA THR A 358 24.48 23.22 7.85
C THR A 358 24.21 21.74 7.97
N SER A 359 23.99 21.31 9.21
CA SER A 359 23.53 19.96 9.52
C SER A 359 22.26 20.10 10.35
N VAL A 360 21.55 18.99 10.57
CA VAL A 360 20.30 19.00 11.34
C VAL A 360 20.59 19.31 12.82
N TRP A 361 19.66 19.98 13.49
CA TRP A 361 19.78 20.22 14.94
C TRP A 361 19.10 19.00 15.59
N GLU A 362 18.76 19.03 16.87
CA GLU A 362 18.12 17.85 17.47
C GLU A 362 16.66 17.66 16.99
N ARG A 363 16.06 18.71 16.44
CA ARG A 363 14.78 18.58 15.73
C ARG A 363 14.62 19.61 14.60
N CYS A 364 13.67 19.34 13.72
CA CYS A 364 13.46 20.14 12.54
C CYS A 364 12.65 21.38 12.86
N CYS A 365 11.66 21.23 13.74
CA CYS A 365 10.51 22.11 13.73
C CYS A 365 10.03 22.54 15.09
N ALA A 366 9.37 23.69 15.11
CA ALA A 366 8.65 24.14 16.27
C ALA A 366 7.57 25.15 15.85
N LYS A 367 6.84 25.68 16.82
CA LYS A 367 5.82 26.70 16.57
C LYS A 367 5.74 27.70 17.71
N THR A 368 5.42 28.95 17.37
CA THR A 368 5.11 29.96 18.35
C THR A 368 3.69 29.75 18.87
N GLU A 369 3.41 30.43 19.97
CA GLU A 369 2.10 30.46 20.60
C GLU A 369 1.02 30.95 19.62
N ASP A 370 1.40 31.84 18.72
CA ASP A 370 0.46 32.39 17.74
C ASP A 370 0.41 31.62 16.39
N GLY A 371 1.00 30.44 16.34
CA GLY A 371 0.85 29.55 15.20
C GLY A 371 1.90 29.66 14.09
N THR A 372 2.91 30.51 14.25
CA THR A 372 3.98 30.65 13.26
C THR A 372 4.95 29.45 13.34
N GLU A 373 5.23 28.85 12.20
CA GLU A 373 6.08 27.69 12.15
C GLU A 373 7.54 28.13 12.27
N ILE A 374 8.35 27.26 12.88
CA ILE A 374 9.79 27.49 13.05
C ILE A 374 10.56 26.27 12.54
N ARG A 375 11.73 26.51 11.97
CA ARG A 375 12.62 25.45 11.54
C ARG A 375 14.01 25.76 12.03
N PHE A 376 14.81 24.71 12.26
CA PHE A 376 16.16 24.82 12.79
C PHE A 376 17.20 24.20 11.89
N THR A 377 18.37 24.84 11.85
CA THR A 377 19.59 24.24 11.28
C THR A 377 20.74 24.53 12.25
N ARG A 378 21.88 23.93 11.96
CA ARG A 378 23.03 23.93 12.86
C ARG A 378 24.34 24.04 12.05
N LYS A 379 25.27 24.79 12.58
CA LYS A 379 26.62 24.89 12.04
C LYS A 379 27.55 24.93 13.25
N CYS A 380 28.17 23.82 13.57
CA CYS A 380 29.07 23.74 14.72
C CYS A 380 28.31 24.11 16.01
N ASN A 381 28.64 25.27 16.59
CA ASN A 381 28.03 25.72 17.84
C ASN A 381 26.78 26.56 17.63
N ARG A 382 26.65 27.18 16.46
CA ARG A 382 25.51 28.01 16.16
C ARG A 382 24.27 27.21 15.78
N ILE A 383 23.13 27.66 16.29
CA ILE A 383 21.84 27.10 15.93
C ILE A 383 21.01 28.24 15.35
N PHE A 384 20.65 28.12 14.08
CA PHE A 384 19.85 29.11 13.38
C PHE A 384 18.38 28.80 13.59
N VAL A 385 17.62 29.82 13.95
CA VAL A 385 16.20 29.65 14.23
C VAL A 385 15.46 30.45 13.19
N ILE A 386 14.85 29.74 12.26
CA ILE A 386 14.28 30.35 11.07
C ILE A 386 12.76 30.30 11.13
N PHE A 387 12.17 31.47 11.21
CA PHE A 387 10.72 31.57 11.30
C PHE A 387 10.18 31.56 9.88
N LEU A 388 9.18 30.72 9.65
CA LEU A 388 8.46 30.74 8.39
C LEU A 388 7.41 31.87 8.45
N GLY A 389 7.91 33.10 8.38
CA GLY A 389 7.10 34.29 8.57
C GLY A 389 7.88 35.27 9.43
N ILE A 390 7.40 36.50 9.49
CA ILE A 390 7.92 37.50 10.40
C ILE A 390 6.81 37.79 11.40
N PRO A 391 6.99 37.40 12.66
CA PRO A 391 5.98 37.67 13.69
C PRO A 391 5.80 39.16 13.86
N THR A 392 4.59 39.54 14.22
CA THR A 392 4.19 40.94 14.27
C THR A 392 4.50 41.61 15.59
N GLY A 393 4.79 40.82 16.63
CA GLY A 393 4.96 41.35 17.97
C GLY A 393 6.38 41.15 18.45
N GLU A 394 6.81 42.00 19.38
CA GLU A 394 8.14 41.87 19.95
C GLU A 394 8.25 40.62 20.82
N LYS A 395 7.23 40.39 21.64
CA LYS A 395 7.22 39.26 22.55
C LYS A 395 6.80 37.98 21.80
N ILE A 396 7.75 37.06 21.68
CA ILE A 396 7.57 35.81 20.98
C ILE A 396 7.73 34.67 21.96
N VAL A 397 6.80 33.72 21.92
CA VAL A 397 6.83 32.55 22.79
C VAL A 397 6.92 31.32 21.90
N ILE A 398 8.05 30.63 21.94
CA ILE A 398 8.20 29.36 21.25
C ILE A 398 7.73 28.23 22.17
N GLU A 399 6.81 27.41 21.66
CA GLU A 399 6.22 26.31 22.43
C GLU A 399 7.14 25.10 22.53
N ASP A 400 7.25 24.55 23.73
CA ASP A 400 7.85 23.25 23.99
C ASP A 400 9.31 23.23 23.60
N LEU A 401 9.99 24.36 23.82
CA LEU A 401 11.43 24.48 23.58
C LEU A 401 12.12 25.19 24.76
N ASN A 402 13.30 24.69 25.11
CA ASN A 402 14.26 25.39 25.94
C ASN A 402 15.60 25.45 25.25
N LEU A 403 16.43 26.43 25.61
CA LEU A 403 17.81 26.53 25.15
C LEU A 403 18.72 26.74 26.34
N SER A 404 19.88 26.08 26.33
CA SER A 404 20.89 26.26 27.39
C SER A 404 22.07 27.11 26.89
N ALA A 405 21.94 27.61 25.65
CA ALA A 405 23.06 28.23 24.92
C ALA A 405 23.69 29.45 25.61
N GLY A 406 22.88 30.33 26.18
CA GLY A 406 23.41 31.45 26.94
C GLY A 406 23.45 32.77 26.20
N THR A 407 23.46 32.74 24.86
CA THR A 407 23.01 33.91 24.09
C THR A 407 22.16 33.51 22.88
N VAL A 408 21.12 34.29 22.65
CA VAL A 408 20.34 34.26 21.44
C VAL A 408 20.48 35.63 20.82
N ARG A 409 20.74 35.65 19.52
CA ARG A 409 20.99 36.87 18.79
C ARG A 409 20.07 36.94 17.60
N HIS A 410 19.81 38.16 17.14
CA HIS A 410 19.20 38.36 15.85
C HIS A 410 20.30 38.08 14.84
N PHE A 411 20.00 37.24 13.84
CA PHE A 411 21.05 36.69 12.95
C PHE A 411 21.76 37.75 12.08
N LEU A 412 20.97 38.59 11.39
CA LEU A 412 21.50 39.55 10.43
C LEU A 412 22.57 40.48 11.04
N THR A 413 22.31 40.99 12.25
CA THR A 413 23.23 41.90 12.93
C THR A 413 24.10 41.20 14.00
N GLY A 414 23.71 40.00 14.39
CA GLY A 414 24.28 39.37 15.56
C GLY A 414 23.90 40.04 16.88
N GLU A 415 22.88 40.90 16.90
CA GLU A 415 22.57 41.66 18.12
C GLU A 415 21.99 40.75 19.19
N ARG A 416 22.54 40.81 20.38
CA ARG A 416 22.06 39.97 21.47
C ARG A 416 20.67 40.42 21.93
N LEU A 417 19.83 39.43 22.16
CA LEU A 417 18.45 39.59 22.52
C LEU A 417 18.24 39.06 23.92
N SER A 418 17.22 39.60 24.58
CA SER A 418 16.77 39.11 25.86
C SER A 418 15.87 37.88 25.64
N PHE A 419 16.20 36.78 26.31
CA PHE A 419 15.36 35.60 26.31
C PHE A 419 15.35 34.93 27.68
N LYS A 420 14.43 33.99 27.84
CA LYS A 420 14.24 33.25 29.07
C LYS A 420 13.50 31.93 28.78
N ASN A 421 13.99 30.84 29.32
CA ASN A 421 13.19 29.62 29.41
C ASN A 421 12.13 29.85 30.47
N VAL A 422 10.86 29.70 30.10
CA VAL A 422 9.75 29.81 31.03
C VAL A 422 8.97 28.51 30.98
N GLY A 423 9.14 27.67 32.00
CA GLY A 423 8.57 26.34 31.99
C GLY A 423 9.01 25.60 30.73
N LYS A 424 8.04 25.05 30.01
CA LYS A 424 8.30 24.25 28.83
C LYS A 424 8.60 25.09 27.59
N ASN A 425 8.36 26.40 27.65
CA ASN A 425 8.49 27.31 26.52
C ASN A 425 9.73 28.18 26.56
N LEU A 426 9.96 28.90 25.47
CA LEU A 426 11.08 29.82 25.34
C LEU A 426 10.53 31.18 24.94
N GLU A 427 10.73 32.18 25.78
CA GLU A 427 10.27 33.54 25.52
C GLU A 427 11.44 34.40 25.09
N ILE A 428 11.27 35.11 23.97
CA ILE A 428 12.30 35.96 23.39
C ILE A 428 11.67 37.31 23.01
N THR A 429 12.38 38.38 23.29
CA THR A 429 11.97 39.71 22.86
C THR A 429 12.84 40.11 21.67
N VAL A 430 12.21 40.31 20.52
CA VAL A 430 12.84 40.90 19.34
C VAL A 430 12.30 42.32 19.13
N PRO A 431 13.12 43.36 19.32
CA PRO A 431 12.68 44.73 19.03
C PRO A 431 12.13 44.87 17.61
N LYS A 432 11.11 45.69 17.44
CA LYS A 432 10.40 45.78 16.16
C LYS A 432 11.37 46.24 15.06
N LYS A 433 12.32 47.10 15.44
CA LYS A 433 13.39 47.60 14.57
C LYS A 433 14.19 46.47 13.91
N LEU A 434 14.44 45.42 14.67
CA LEU A 434 15.08 44.21 14.17
C LEU A 434 14.15 43.32 13.34
N LEU A 435 12.88 43.20 13.74
CA LEU A 435 11.89 42.44 12.94
C LEU A 435 11.78 43.01 11.53
N GLU A 436 11.83 44.35 11.44
CA GLU A 436 11.64 45.04 10.19
C GLU A 436 12.86 44.93 9.27
N THR A 437 13.99 44.43 9.78
CA THR A 437 15.17 44.24 8.94
C THR A 437 15.15 42.91 8.20
N ASP A 438 14.33 41.98 8.65
CA ASP A 438 14.28 40.67 8.02
C ASP A 438 13.39 40.65 6.78
N SER A 439 13.73 39.73 5.86
CA SER A 439 12.98 39.53 4.65
C SER A 439 12.47 38.08 4.61
N ILE A 440 11.13 37.95 4.62
CA ILE A 440 10.39 36.66 4.56
C ILE A 440 10.44 35.85 5.87
N THR A 441 11.64 35.72 6.43
CA THR A 441 11.87 34.90 7.60
C THR A 441 12.57 35.68 8.69
N LEU A 442 12.01 35.68 9.89
CA LEU A 442 12.75 36.10 11.06
C LEU A 442 13.78 35.01 11.30
N VAL A 443 15.03 35.40 11.45
CA VAL A 443 16.07 34.44 11.78
C VAL A 443 16.78 34.87 13.05
N LEU A 444 16.83 33.96 13.99
CA LEU A 444 17.55 34.11 15.23
C LEU A 444 18.69 33.11 15.21
N GLU A 445 19.51 33.12 16.24
CA GLU A 445 20.76 32.39 16.22
C GLU A 445 21.24 32.24 17.65
N ALA A 446 21.27 31.00 18.11
CA ALA A 446 21.75 30.68 19.44
C ALA A 446 23.20 30.25 19.33
N VAL A 447 24.07 30.98 20.02
CA VAL A 447 25.48 30.62 20.16
C VAL A 447 25.70 30.02 21.56
N GLU A 448 26.12 28.76 21.61
CA GLU A 448 26.01 27.92 22.82
C GLU A 448 27.34 27.60 23.50
N ARG B 7 -1.64 -38.14 -10.17
CA ARG B 7 -0.76 -38.14 -8.97
C ARG B 7 0.10 -36.87 -8.97
N TYR B 8 0.07 -36.16 -7.86
CA TYR B 8 0.69 -34.85 -7.75
C TYR B 8 2.16 -34.96 -7.41
N LYS B 9 2.96 -34.16 -8.11
CA LYS B 9 4.39 -34.04 -7.87
C LYS B 9 4.63 -32.74 -7.10
N PRO B 10 5.72 -32.69 -6.33
CA PRO B 10 6.08 -31.48 -5.58
C PRO B 10 6.71 -30.39 -6.45
N ASP B 11 5.97 -29.91 -7.44
CA ASP B 11 6.30 -28.69 -8.14
C ASP B 11 5.00 -27.94 -8.47
N TRP B 12 5.13 -26.63 -8.72
CA TRP B 12 3.94 -25.79 -8.85
C TRP B 12 3.15 -26.13 -10.11
N GLU B 13 3.87 -26.47 -11.15
CA GLU B 13 3.25 -26.79 -12.43
C GLU B 13 2.31 -28.00 -12.28
N SER B 14 2.76 -29.01 -11.56
CA SER B 14 1.95 -30.20 -11.32
C SER B 14 0.82 -29.95 -10.30
N LEU B 15 1.11 -29.17 -9.27
CA LEU B 15 0.11 -28.92 -8.23
C LEU B 15 -1.07 -28.08 -8.72
N ARG B 16 -0.85 -27.34 -9.81
CA ARG B 16 -1.89 -26.62 -10.54
C ARG B 16 -2.97 -27.57 -11.12
N GLU B 17 -2.63 -28.84 -11.28
CA GLU B 17 -3.62 -29.86 -11.67
C GLU B 17 -4.73 -30.05 -10.64
N HIS B 18 -4.44 -29.78 -9.38
CA HIS B 18 -5.46 -29.83 -8.33
C HIS B 18 -6.39 -28.61 -8.31
N THR B 19 -7.52 -28.73 -8.97
CA THR B 19 -8.48 -27.63 -9.00
C THR B 19 -9.32 -27.68 -7.72
N VAL B 20 -9.98 -26.57 -7.43
CA VAL B 20 -10.83 -26.51 -6.26
C VAL B 20 -11.84 -27.68 -6.30
N PRO B 21 -11.89 -28.47 -5.24
CA PRO B 21 -12.82 -29.60 -5.19
C PRO B 21 -14.27 -29.13 -5.26
N LYS B 22 -15.12 -29.99 -5.81
CA LYS B 22 -16.52 -29.66 -6.09
C LYS B 22 -17.30 -29.38 -4.83
N TRP B 23 -17.05 -30.17 -3.78
CA TRP B 23 -17.79 -30.04 -2.53
C TRP B 23 -17.63 -28.63 -1.98
N PHE B 24 -16.46 -28.02 -2.19
CA PHE B 24 -16.19 -26.67 -1.69
C PHE B 24 -16.97 -25.59 -2.44
N ASP B 25 -17.05 -25.69 -3.77
CA ASP B 25 -17.86 -24.76 -4.56
C ASP B 25 -19.34 -24.87 -4.19
N LYS B 26 -19.80 -26.08 -3.87
CA LYS B 26 -21.20 -26.34 -3.58
C LYS B 26 -21.61 -26.04 -2.14
N ALA B 27 -20.65 -26.03 -1.21
CA ALA B 27 -20.93 -25.89 0.21
C ALA B 27 -21.50 -24.51 0.59
N LYS B 28 -20.88 -23.47 0.05
CA LYS B 28 -21.32 -22.07 0.22
C LYS B 28 -21.15 -21.47 1.62
N PHE B 29 -21.34 -22.24 2.67
CA PHE B 29 -21.40 -21.69 4.02
C PHE B 29 -20.62 -22.60 4.97
N GLY B 30 -19.66 -22.00 5.67
CA GLY B 30 -18.83 -22.71 6.62
C GLY B 30 -18.72 -21.91 7.90
N ILE B 31 -18.36 -22.57 9.00
CA ILE B 31 -18.21 -21.91 10.29
C ILE B 31 -16.75 -21.95 10.67
N PHE B 32 -16.19 -20.77 10.93
CA PHE B 32 -14.86 -20.55 11.52
C PHE B 32 -15.04 -20.54 13.04
N ILE B 33 -14.06 -21.04 13.77
CA ILE B 33 -14.09 -21.00 15.23
C ILE B 33 -12.75 -20.48 15.73
N HIS B 34 -12.77 -19.29 16.33
CA HIS B 34 -11.60 -18.71 16.95
C HIS B 34 -11.70 -18.90 18.45
N TRP B 35 -10.93 -19.85 18.93
CA TRP B 35 -10.98 -20.32 20.30
C TRP B 35 -9.57 -20.68 20.74
N GLY B 36 -9.23 -20.22 21.93
CA GLY B 36 -7.92 -20.47 22.52
C GLY B 36 -7.83 -19.83 23.89
N ILE B 37 -6.61 -19.72 24.42
CA ILE B 37 -6.41 -19.15 25.75
C ILE B 37 -6.73 -17.65 25.78
N TYR B 38 -6.66 -16.99 24.62
CA TYR B 38 -7.13 -15.60 24.48
C TYR B 38 -8.62 -15.43 24.75
N SER B 39 -9.38 -16.51 24.58
CA SER B 39 -10.81 -16.50 24.90
C SER B 39 -11.08 -16.33 26.40
N VAL B 40 -10.13 -16.75 27.24
CA VAL B 40 -10.28 -16.63 28.69
C VAL B 40 -10.45 -15.16 29.15
N PRO B 41 -9.51 -14.27 28.83
CA PRO B 41 -9.73 -12.84 29.10
C PRO B 41 -10.81 -12.26 28.19
N GLY B 42 -10.86 -12.75 26.97
CA GLY B 42 -11.87 -12.40 25.99
C GLY B 42 -12.22 -10.93 25.95
N TRP B 43 -11.23 -10.10 25.64
CA TRP B 43 -11.38 -8.65 25.69
C TRP B 43 -10.58 -7.93 24.59
N ALA B 44 -11.24 -6.96 23.97
CA ALA B 44 -10.61 -6.01 23.04
C ALA B 44 -11.37 -4.67 23.06
N THR B 45 -10.82 -3.64 22.41
CA THR B 45 -11.39 -2.27 22.47
C THR B 45 -12.65 -2.09 21.59
N PRO B 46 -13.41 -1.01 21.81
CA PRO B 46 -14.67 -0.77 21.07
C PRO B 46 -14.48 -0.70 19.55
N ASP B 56 -3.64 4.87 11.43
CA ASP B 56 -2.87 3.68 11.09
C ASP B 56 -2.48 2.85 12.32
N ALA B 57 -2.89 3.31 13.50
CA ALA B 57 -2.60 2.65 14.78
C ALA B 57 -3.61 1.54 15.17
N TRP B 58 -3.99 0.73 14.19
CA TRP B 58 -4.84 -0.45 14.38
C TRP B 58 -4.35 -1.44 15.46
N PHE B 59 -3.03 -1.55 15.63
CA PHE B 59 -2.46 -2.50 16.59
C PHE B 59 -2.41 -1.96 18.02
N PHE B 60 -2.42 -0.63 18.17
CA PHE B 60 -2.58 0.02 19.46
C PHE B 60 -4.04 -0.07 19.97
N GLN B 61 -4.99 0.02 19.05
CA GLN B 61 -6.42 -0.10 19.37
C GLN B 61 -7.03 -1.29 18.64
N ASN B 62 -6.53 -2.49 18.93
CA ASN B 62 -6.91 -3.71 18.21
C ASN B 62 -8.28 -4.22 18.66
N PRO B 63 -9.26 -4.27 17.74
CA PRO B 63 -10.59 -4.82 18.03
C PRO B 63 -10.68 -6.34 17.86
N TYR B 64 -9.61 -6.95 17.38
CA TYR B 64 -9.51 -8.40 17.31
C TYR B 64 -8.95 -8.90 18.64
N ALA B 65 -9.81 -9.54 19.43
CA ALA B 65 -9.43 -10.00 20.77
C ALA B 65 -8.44 -11.17 20.76
N GLU B 66 -8.45 -11.97 19.68
CA GLU B 66 -7.43 -13.00 19.49
C GLU B 66 -6.04 -12.45 19.59
N TRP B 67 -5.91 -11.17 19.31
CA TRP B 67 -4.61 -10.48 19.30
C TRP B 67 -4.19 -9.99 20.68
N TYR B 68 -4.90 -10.42 21.72
CA TYR B 68 -4.70 -9.97 23.11
C TYR B 68 -3.22 -9.91 23.52
N GLU B 69 -2.49 -10.99 23.27
CA GLU B 69 -1.07 -11.08 23.65
C GLU B 69 -0.24 -9.97 23.00
N ASN B 70 -0.47 -9.75 21.71
CA ASN B 70 0.21 -8.68 20.99
C ASN B 70 -0.11 -7.33 21.62
N SER B 71 -1.40 -7.05 21.80
CA SER B 71 -1.85 -5.81 22.44
C SER B 71 -1.26 -5.62 23.83
N LEU B 72 -1.16 -6.71 24.59
CA LEU B 72 -0.62 -6.70 25.95
C LEU B 72 0.85 -6.34 25.98
N ARG B 73 1.60 -6.82 24.98
CA ARG B 73 3.02 -6.54 24.86
C ARG B 73 3.31 -5.09 24.53
N ILE B 74 2.29 -4.38 24.04
CA ILE B 74 2.38 -2.94 23.83
C ILE B 74 1.92 -2.27 25.13
N LYS B 75 2.87 -1.95 26.00
CA LYS B 75 2.54 -1.43 27.32
C LYS B 75 1.84 -0.07 27.24
N GLU B 76 0.84 0.11 28.10
CA GLU B 76 -0.02 1.30 28.15
C GLU B 76 -1.22 1.27 27.17
N SER B 77 -1.26 0.28 26.28
CA SER B 77 -2.39 0.12 25.36
C SER B 77 -3.67 -0.15 26.15
N PRO B 78 -4.84 -0.01 25.53
CA PRO B 78 -6.10 -0.34 26.21
C PRO B 78 -6.13 -1.80 26.73
N THR B 79 -5.50 -2.73 26.00
CA THR B 79 -5.46 -4.15 26.39
C THR B 79 -4.57 -4.45 27.61
N TRP B 80 -3.42 -3.76 27.68
CA TRP B 80 -2.54 -3.80 28.86
C TRP B 80 -3.22 -3.25 30.12
N GLU B 81 -3.90 -2.10 29.97
CA GLU B 81 -4.54 -1.43 31.11
C GLU B 81 -5.72 -2.27 31.62
N TYR B 82 -6.40 -2.99 30.72
CA TYR B 82 -7.51 -3.86 31.15
C TYR B 82 -6.99 -5.07 31.92
N HIS B 83 -5.81 -5.53 31.53
CA HIS B 83 -5.18 -6.74 32.05
C HIS B 83 -4.65 -6.54 33.46
N VAL B 84 -4.06 -5.38 33.72
CA VAL B 84 -3.46 -5.07 35.00
C VAL B 84 -4.51 -4.92 36.10
N LYS B 85 -5.76 -4.65 35.71
CA LYS B 85 -6.85 -4.55 36.68
C LYS B 85 -7.35 -5.95 37.00
N THR B 86 -7.72 -6.69 35.96
CA THR B 86 -8.48 -7.93 36.10
C THR B 86 -7.63 -9.06 36.67
N TYR B 87 -6.42 -9.18 36.14
CA TYR B 87 -5.53 -10.30 36.46
C TYR B 87 -4.26 -9.88 37.22
N GLY B 88 -3.92 -8.58 37.18
CA GLY B 88 -2.72 -8.09 37.83
C GLY B 88 -1.52 -8.05 36.89
N GLU B 89 -0.49 -7.30 37.28
CA GLU B 89 0.67 -7.07 36.39
C GLU B 89 1.59 -8.28 36.26
N ASN B 90 1.56 -9.18 37.24
CA ASN B 90 2.44 -10.35 37.23
C ASN B 90 1.79 -11.59 36.59
N PHE B 91 0.63 -11.40 35.98
CA PHE B 91 -0.02 -12.45 35.22
C PHE B 91 0.54 -12.45 33.78
N GLU B 92 1.39 -13.42 33.48
CA GLU B 92 1.93 -13.58 32.14
C GLU B 92 0.80 -13.99 31.19
N TYR B 93 0.86 -13.58 29.93
CA TYR B 93 -0.15 -14.03 28.98
C TYR B 93 -0.26 -15.55 28.98
N GLU B 94 0.90 -16.21 29.12
CA GLU B 94 1.00 -17.68 29.06
C GLU B 94 0.19 -18.42 30.13
N LYS B 95 -0.11 -17.76 31.24
CA LYS B 95 -0.88 -18.36 32.33
C LYS B 95 -2.34 -18.61 32.00
N PHE B 96 -2.88 -17.91 31.01
CA PHE B 96 -4.25 -18.12 30.56
C PHE B 96 -4.48 -19.57 30.12
N ALA B 97 -3.39 -20.24 29.75
CA ALA B 97 -3.45 -21.66 29.36
C ALA B 97 -3.91 -22.59 30.47
N ASP B 98 -3.57 -22.28 31.73
CA ASP B 98 -4.03 -23.07 32.88
C ASP B 98 -5.48 -22.80 33.26
N LEU B 99 -5.96 -21.59 33.00
CA LEU B 99 -7.36 -21.23 33.26
C LEU B 99 -8.30 -21.73 32.17
N PHE B 100 -7.74 -22.07 31.01
CA PHE B 100 -8.51 -22.48 29.86
C PHE B 100 -8.89 -23.95 30.03
N THR B 101 -9.91 -24.22 30.87
CA THR B 101 -10.29 -25.59 31.20
C THR B 101 -11.46 -26.09 30.38
N ALA B 102 -12.10 -25.18 29.65
CA ALA B 102 -13.17 -25.54 28.70
C ALA B 102 -14.18 -26.49 29.32
N GLU B 103 -14.51 -26.24 30.59
CA GLU B 103 -15.31 -27.17 31.38
C GLU B 103 -16.80 -27.24 31.04
N LYS B 104 -17.33 -26.22 30.36
CA LYS B 104 -18.72 -26.26 29.87
C LYS B 104 -18.78 -26.60 28.39
N TRP B 105 -17.69 -27.14 27.85
CA TRP B 105 -17.61 -27.45 26.44
C TRP B 105 -18.33 -28.76 26.15
N ASP B 106 -19.27 -28.71 25.21
CA ASP B 106 -19.95 -29.89 24.71
C ASP B 106 -19.80 -29.88 23.19
N PRO B 107 -18.81 -30.58 22.66
CA PRO B 107 -18.54 -30.55 21.22
C PRO B 107 -19.75 -30.96 20.39
N GLN B 108 -20.56 -31.89 20.88
CA GLN B 108 -21.77 -32.28 20.16
C GLN B 108 -22.80 -31.14 20.01
N GLU B 109 -22.95 -30.32 21.05
CA GLU B 109 -23.84 -29.15 21.03
C GLU B 109 -23.39 -28.15 19.98
N TRP B 110 -22.09 -27.86 19.97
CA TRP B 110 -21.49 -27.02 18.95
C TRP B 110 -21.78 -27.53 17.55
N ALA B 111 -21.53 -28.82 17.32
CA ALA B 111 -21.70 -29.43 16.01
C ALA B 111 -23.16 -29.34 15.59
N ASP B 112 -24.07 -29.70 16.50
CA ASP B 112 -25.50 -29.62 16.24
C ASP B 112 -25.92 -28.18 15.91
N LEU B 113 -25.34 -27.21 16.60
CA LEU B 113 -25.65 -25.80 16.38
C LEU B 113 -25.20 -25.41 14.98
N PHE B 114 -24.02 -25.89 14.58
CA PHE B 114 -23.47 -25.54 13.27
C PHE B 114 -24.28 -26.17 12.15
N LYS B 115 -24.71 -27.41 12.35
CA LYS B 115 -25.61 -28.09 11.41
C LYS B 115 -26.91 -27.30 11.17
N LYS B 116 -27.56 -26.88 12.25
CA LYS B 116 -28.84 -26.18 12.15
C LYS B 116 -28.66 -24.78 11.57
N ALA B 117 -27.47 -24.20 11.76
CA ALA B 117 -27.11 -22.91 11.17
C ALA B 117 -27.04 -23.03 9.67
N GLY B 118 -26.88 -24.25 9.19
CA GLY B 118 -26.87 -24.57 7.78
C GLY B 118 -25.47 -24.66 7.23
N ALA B 119 -24.48 -24.74 8.11
CA ALA B 119 -23.09 -24.81 7.70
C ALA B 119 -22.77 -26.20 7.16
N LYS B 120 -21.84 -26.28 6.21
CA LYS B 120 -21.44 -27.53 5.57
C LYS B 120 -20.02 -27.93 5.91
N TYR B 121 -19.24 -26.98 6.40
CA TYR B 121 -17.89 -27.25 6.93
C TYR B 121 -17.57 -26.38 8.13
N VAL B 122 -16.68 -26.89 8.99
CA VAL B 122 -16.34 -26.26 10.25
C VAL B 122 -14.82 -26.25 10.40
N ILE B 123 -14.24 -25.09 10.75
CA ILE B 123 -12.78 -24.91 10.81
C ILE B 123 -12.36 -24.20 12.10
N PRO B 124 -11.80 -24.91 13.05
CA PRO B 124 -11.27 -24.27 14.26
C PRO B 124 -9.81 -23.85 14.12
N THR B 125 -9.46 -22.81 14.86
CA THR B 125 -8.07 -22.45 15.05
C THR B 125 -7.37 -23.55 15.83
N THR B 126 -6.50 -24.30 15.17
CA THR B 126 -5.68 -25.32 15.83
C THR B 126 -4.49 -24.69 16.52
N LYS B 127 -3.99 -23.60 15.96
CA LYS B 127 -2.95 -22.78 16.57
C LYS B 127 -3.06 -21.39 16.00
N HIS B 128 -3.36 -20.40 16.84
CA HIS B 128 -3.42 -19.02 16.40
C HIS B 128 -2.05 -18.35 16.61
N HIS B 129 -1.97 -17.03 16.51
CA HIS B 129 -0.68 -16.35 16.53
C HIS B 129 0.08 -16.56 17.83
N ASP B 130 -0.64 -16.82 18.94
CA ASP B 130 0.00 -16.96 20.24
C ASP B 130 0.78 -18.27 20.40
N GLY B 131 0.60 -19.18 19.45
CA GLY B 131 1.38 -20.41 19.40
C GLY B 131 0.81 -21.54 20.22
N PHE B 132 -0.30 -21.31 20.92
CA PHE B 132 -0.91 -22.36 21.71
C PHE B 132 -1.66 -23.33 20.80
N CYS B 133 -1.40 -24.62 20.96
CA CYS B 133 -1.96 -25.64 20.09
C CYS B 133 -3.12 -26.37 20.75
N LEU B 134 -4.23 -26.48 20.03
CA LEU B 134 -5.45 -27.05 20.55
C LEU B 134 -5.50 -28.56 20.34
N TRP B 135 -4.34 -29.18 20.03
CA TRP B 135 -4.23 -30.64 19.97
C TRP B 135 -2.96 -31.14 20.67
N GLY B 136 -2.88 -32.46 20.84
CA GLY B 136 -1.78 -33.11 21.55
C GLY B 136 -0.56 -33.27 20.68
N THR B 137 -0.06 -32.16 20.16
CA THR B 137 1.11 -32.19 19.27
C THR B 137 2.36 -32.70 20.00
N LYS B 138 3.18 -33.46 19.28
CA LYS B 138 4.44 -33.98 19.82
C LYS B 138 5.53 -32.91 19.81
N TYR B 139 5.28 -31.74 19.22
CA TYR B 139 6.36 -30.77 18.95
C TYR B 139 6.39 -29.54 19.88
N THR B 140 5.44 -29.47 20.81
CA THR B 140 5.49 -28.49 21.91
C THR B 140 4.55 -28.95 23.04
N ASP B 141 4.97 -28.72 24.29
CA ASP B 141 4.10 -28.94 25.45
C ASP B 141 3.08 -27.82 25.61
N PHE B 142 3.24 -26.71 24.88
CA PHE B 142 2.29 -25.60 24.94
C PHE B 142 1.02 -25.93 24.14
N ASN B 143 0.19 -26.79 24.73
CA ASN B 143 -0.98 -27.36 24.08
C ASN B 143 -2.05 -27.79 25.06
N SER B 144 -3.24 -28.05 24.53
CA SER B 144 -4.42 -28.28 25.35
C SER B 144 -4.45 -29.65 26.04
N VAL B 145 -3.65 -30.60 25.59
CA VAL B 145 -3.60 -31.93 26.23
C VAL B 145 -2.74 -31.91 27.51
N LYS B 146 -1.60 -31.22 27.46
CA LYS B 146 -0.71 -31.13 28.62
C LYS B 146 -1.11 -30.04 29.61
N ARG B 147 -1.84 -29.02 29.13
CA ARG B 147 -2.21 -27.86 29.95
C ARG B 147 -3.74 -27.70 29.93
N GLY B 148 -4.24 -26.69 30.64
CA GLY B 148 -5.63 -26.29 30.57
C GLY B 148 -6.64 -27.41 30.48
N PRO B 149 -7.26 -27.60 29.30
CA PRO B 149 -8.37 -28.55 29.18
C PRO B 149 -7.98 -30.02 29.40
N LYS B 150 -6.70 -30.34 29.26
CA LYS B 150 -6.22 -31.72 29.32
C LYS B 150 -6.97 -32.58 28.31
N ARG B 151 -7.20 -31.99 27.14
CA ARG B 151 -8.08 -32.55 26.14
C ARG B 151 -7.56 -32.23 24.73
N ASP B 152 -7.64 -33.22 23.84
CA ASP B 152 -7.45 -32.95 22.43
C ASP B 152 -8.72 -32.26 21.94
N LEU B 153 -8.69 -30.94 21.89
CA LEU B 153 -9.85 -30.16 21.47
C LEU B 153 -10.13 -30.31 19.97
N VAL B 154 -9.07 -30.37 19.16
CA VAL B 154 -9.21 -30.45 17.72
C VAL B 154 -9.83 -31.79 17.33
N GLY B 155 -9.33 -32.88 17.92
CA GLY B 155 -9.79 -34.22 17.61
C GLY B 155 -11.21 -34.46 18.07
N ASP B 156 -11.53 -34.01 19.28
CA ASP B 156 -12.89 -34.14 19.81
C ASP B 156 -13.89 -33.34 18.99
N LEU B 157 -13.52 -32.14 18.58
CA LEU B 157 -14.39 -31.33 17.72
C LEU B 157 -14.56 -31.92 16.32
N ALA B 158 -13.49 -32.48 15.75
CA ALA B 158 -13.58 -33.13 14.43
C ALA B 158 -14.55 -34.32 14.49
N LYS B 159 -14.41 -35.12 15.53
CA LYS B 159 -15.27 -36.27 15.78
C LYS B 159 -16.74 -35.84 15.82
N ALA B 160 -17.04 -34.79 16.60
CA ALA B 160 -18.40 -34.27 16.75
C ALA B 160 -18.92 -33.64 15.45
N VAL B 161 -18.07 -32.91 14.76
CA VAL B 161 -18.48 -32.23 13.52
C VAL B 161 -18.93 -33.28 12.49
N ARG B 162 -18.18 -34.39 12.41
CA ARG B 162 -18.43 -35.43 11.44
C ARG B 162 -19.57 -36.36 11.87
N GLU B 163 -19.81 -36.50 13.18
CA GLU B 163 -21.00 -37.20 13.66
C GLU B 163 -22.28 -36.45 13.28
N ALA B 164 -22.17 -35.14 13.10
CA ALA B 164 -23.29 -34.32 12.67
C ALA B 164 -23.42 -34.25 11.14
N GLY B 165 -22.51 -34.90 10.43
CA GLY B 165 -22.59 -35.01 8.98
C GLY B 165 -21.86 -33.90 8.26
N LEU B 166 -21.05 -33.14 8.99
CA LEU B 166 -20.37 -32.00 8.39
C LEU B 166 -18.91 -32.31 8.09
N ARG B 167 -18.32 -31.46 7.27
CA ARG B 167 -16.93 -31.56 6.90
C ARG B 167 -16.09 -30.77 7.87
N PHE B 168 -14.87 -31.23 8.10
CA PHE B 168 -13.95 -30.60 9.05
C PHE B 168 -12.66 -30.17 8.38
N GLY B 169 -12.26 -28.93 8.65
CA GLY B 169 -11.00 -28.38 8.19
C GLY B 169 -10.23 -27.78 9.36
N VAL B 170 -9.00 -27.31 9.11
CA VAL B 170 -8.15 -26.78 10.18
C VAL B 170 -7.52 -25.45 9.77
N TYR B 171 -7.51 -24.52 10.72
CA TYR B 171 -6.78 -23.26 10.60
C TYR B 171 -5.44 -23.46 11.32
N TYR B 172 -4.37 -22.93 10.74
CA TYR B 172 -3.06 -22.93 11.34
C TYR B 172 -2.38 -21.60 11.10
N SER B 173 -1.85 -20.98 12.16
CA SER B 173 -1.10 -19.73 12.02
C SER B 173 0.36 -20.05 11.66
N GLY B 174 0.59 -20.27 10.39
CA GLY B 174 1.93 -20.57 9.90
C GLY B 174 2.88 -19.38 9.96
N GLY B 175 2.40 -18.20 9.57
CA GLY B 175 3.24 -17.03 9.39
C GLY B 175 3.61 -16.28 10.66
N LEU B 176 2.83 -16.49 11.71
CA LEU B 176 2.99 -15.81 12.98
C LEU B 176 2.94 -16.79 14.14
N ASP B 177 3.91 -16.70 15.04
CA ASP B 177 3.94 -17.50 16.25
C ASP B 177 4.70 -16.77 17.35
N TRP B 178 3.96 -16.21 18.30
CA TRP B 178 4.53 -15.33 19.30
C TRP B 178 5.25 -16.08 20.43
N ARG B 179 5.21 -17.41 20.38
CA ARG B 179 6.12 -18.27 21.16
C ARG B 179 7.57 -18.15 20.72
N PHE B 180 7.80 -17.64 19.52
CA PHE B 180 9.14 -17.56 18.93
C PHE B 180 9.66 -16.12 18.85
N THR B 181 8.79 -15.17 19.15
CA THR B 181 9.16 -13.78 19.27
C THR B 181 8.84 -13.31 20.68
N THR B 182 9.47 -12.21 21.10
CA THR B 182 9.11 -11.53 22.34
C THR B 182 8.53 -10.12 22.10
N GLU B 183 8.76 -9.57 20.91
CA GLU B 183 8.45 -8.17 20.62
C GLU B 183 7.11 -8.10 19.88
N PRO B 184 6.24 -7.18 20.29
CA PRO B 184 4.93 -7.02 19.64
C PRO B 184 4.99 -6.32 18.29
N ILE B 185 3.96 -6.54 17.48
CA ILE B 185 3.71 -5.82 16.24
C ILE B 185 3.03 -4.50 16.62
N ARG B 186 3.70 -3.38 16.41
CA ARG B 186 3.14 -2.06 16.69
C ARG B 186 2.50 -1.42 15.46
N TYR B 187 3.12 -1.65 14.31
CA TYR B 187 2.62 -1.14 13.03
C TYR B 187 2.74 -2.28 12.02
N PRO B 188 2.04 -2.18 10.88
CA PRO B 188 2.03 -3.28 9.90
C PRO B 188 3.41 -3.69 9.34
N GLU B 189 4.31 -2.72 9.23
CA GLU B 189 5.68 -2.99 8.75
C GLU B 189 6.51 -3.85 9.71
N ASP B 190 6.12 -3.89 10.99
CA ASP B 190 6.74 -4.81 11.95
C ASP B 190 6.50 -6.30 11.59
N LEU B 191 5.49 -6.58 10.77
CA LEU B 191 5.21 -7.93 10.30
C LEU B 191 6.34 -8.50 9.43
N SER B 192 7.08 -7.63 8.76
CA SER B 192 8.15 -8.03 7.86
C SER B 192 9.38 -8.65 8.55
N TYR B 193 9.52 -8.46 9.85
CA TYR B 193 10.73 -8.89 10.56
C TYR B 193 10.55 -9.51 11.94
N ILE B 194 9.41 -9.21 12.57
CA ILE B 194 9.05 -9.79 13.85
C ILE B 194 8.26 -11.06 13.53
N ARG B 195 9.04 -12.08 13.21
CA ARG B 195 8.57 -13.40 12.86
C ARG B 195 9.58 -14.38 13.43
N PRO B 196 9.19 -15.65 13.52
CA PRO B 196 10.08 -16.67 14.09
C PRO B 196 11.49 -16.72 13.44
N ASN B 197 11.55 -16.56 12.12
CA ASN B 197 12.78 -16.33 11.33
C ASN B 197 13.79 -17.48 11.24
N THR B 198 13.62 -18.51 12.07
CA THR B 198 14.64 -19.54 12.20
C THR B 198 14.32 -20.71 11.29
N TYR B 199 15.35 -21.48 10.97
CA TYR B 199 15.16 -22.76 10.31
C TYR B 199 14.37 -23.70 11.23
N GLU B 200 14.65 -23.63 12.52
CA GLU B 200 13.88 -24.38 13.50
C GLU B 200 12.37 -24.11 13.33
N TYR B 201 11.97 -22.85 13.15
CA TYR B 201 10.54 -22.56 13.04
C TYR B 201 9.96 -23.10 11.75
N ALA B 202 10.69 -22.96 10.64
CA ALA B 202 10.24 -23.50 9.36
C ALA B 202 9.92 -25.01 9.46
N ASP B 203 10.81 -25.76 10.09
CA ASP B 203 10.63 -27.19 10.33
C ASP B 203 9.42 -27.43 11.19
N TYR B 204 9.28 -26.64 12.25
CA TYR B 204 8.23 -26.79 13.22
C TYR B 204 6.86 -26.67 12.57
N ALA B 205 6.68 -25.63 11.78
CA ALA B 205 5.41 -25.35 11.13
C ALA B 205 5.09 -26.45 10.11
N TYR B 206 6.09 -26.88 9.35
CA TYR B 206 5.91 -27.97 8.40
C TYR B 206 5.52 -29.26 9.11
N LYS B 207 6.23 -29.58 10.19
CA LYS B 207 5.93 -30.76 10.97
C LYS B 207 4.52 -30.73 11.59
N GLN B 208 4.09 -29.56 12.05
CA GLN B 208 2.78 -29.44 12.69
C GLN B 208 1.63 -29.57 11.72
N VAL B 209 1.76 -28.99 10.53
CA VAL B 209 0.69 -29.14 9.53
C VAL B 209 0.67 -30.57 9.01
N MET B 210 1.84 -31.20 8.88
CA MET B 210 1.88 -32.61 8.49
C MET B 210 1.15 -33.47 9.54
N GLU B 211 1.33 -33.12 10.80
CA GLU B 211 0.70 -33.82 11.91
C GLU B 211 -0.83 -33.69 11.87
N LEU B 212 -1.31 -32.50 11.55
CA LEU B 212 -2.75 -32.28 11.44
C LEU B 212 -3.34 -33.06 10.28
N VAL B 213 -2.58 -33.14 9.19
CA VAL B 213 -3.05 -33.85 8.02
C VAL B 213 -3.22 -35.33 8.40
N ASP B 214 -2.19 -35.92 9.02
CA ASP B 214 -2.18 -37.36 9.34
C ASP B 214 -3.14 -37.77 10.46
N LEU B 215 -3.33 -36.89 11.44
CA LEU B 215 -4.20 -37.17 12.59
C LEU B 215 -5.67 -36.97 12.25
N TYR B 216 -5.99 -35.88 11.53
CA TYR B 216 -7.38 -35.43 11.42
C TYR B 216 -7.94 -35.41 10.00
N LEU B 217 -7.12 -35.67 9.00
CA LEU B 217 -7.49 -35.65 7.57
C LEU B 217 -8.48 -34.54 7.20
N PRO B 218 -8.05 -33.29 7.37
CA PRO B 218 -8.95 -32.16 7.17
C PRO B 218 -9.21 -31.91 5.69
N ASP B 219 -10.40 -31.42 5.36
CA ASP B 219 -10.80 -31.13 4.00
C ASP B 219 -10.40 -29.72 3.61
N VAL B 220 -9.95 -28.94 4.60
CA VAL B 220 -9.38 -27.62 4.32
C VAL B 220 -8.12 -27.40 5.14
N LEU B 221 -7.08 -26.89 4.49
CA LEU B 221 -5.90 -26.38 5.16
C LEU B 221 -5.96 -24.86 5.06
N TRP B 222 -6.27 -24.20 6.17
CA TRP B 222 -6.52 -22.75 6.19
C TRP B 222 -5.36 -22.07 6.91
N ASN B 223 -4.33 -21.71 6.15
CA ASN B 223 -3.18 -21.04 6.73
C ASN B 223 -3.44 -19.55 6.88
N ASP B 224 -2.77 -18.93 7.84
CA ASP B 224 -2.86 -17.50 8.03
C ASP B 224 -1.50 -16.82 8.13
N MET B 225 -1.45 -15.59 7.63
CA MET B 225 -0.32 -14.66 7.79
C MET B 225 0.93 -15.07 7.00
N GLY B 226 0.72 -15.80 5.92
CA GLY B 226 1.83 -16.24 5.10
C GLY B 226 2.54 -17.43 5.71
N TRP B 227 3.60 -17.85 5.04
CA TRP B 227 4.41 -18.98 5.47
C TRP B 227 5.86 -18.53 5.60
N PRO B 228 6.60 -19.07 6.58
CA PRO B 228 8.01 -18.70 6.70
C PRO B 228 8.79 -18.89 5.38
N GLU B 229 9.54 -17.85 5.03
CA GLU B 229 10.29 -17.81 3.77
C GLU B 229 11.15 -19.06 3.57
N LYS B 230 11.77 -19.50 4.65
CA LYS B 230 12.66 -20.66 4.60
C LYS B 230 11.92 -21.98 4.43
N GLY B 231 10.60 -21.97 4.65
CA GLY B 231 9.78 -23.15 4.49
C GLY B 231 8.87 -23.18 3.27
N LYS B 232 8.89 -22.15 2.44
CA LYS B 232 8.00 -22.09 1.28
C LYS B 232 8.20 -23.23 0.27
N GLU B 233 9.42 -23.69 0.09
CA GLU B 233 9.71 -24.84 -0.76
C GLU B 233 9.19 -26.15 -0.20
N ASP B 234 9.10 -26.25 1.12
CA ASP B 234 8.47 -27.40 1.78
C ASP B 234 6.99 -27.58 1.38
N LEU B 235 6.32 -26.50 1.01
CA LEU B 235 4.89 -26.57 0.73
C LEU B 235 4.61 -27.32 -0.54
N LYS B 236 5.56 -27.33 -1.48
CA LYS B 236 5.52 -28.19 -2.64
C LYS B 236 5.28 -29.63 -2.21
N TYR B 237 6.04 -30.06 -1.21
CA TYR B 237 5.97 -31.43 -0.71
C TYR B 237 4.74 -31.65 0.17
N LEU B 238 4.37 -30.67 0.96
CA LEU B 238 3.20 -30.78 1.82
C LEU B 238 1.92 -30.84 1.02
N PHE B 239 1.82 -30.02 -0.01
CA PHE B 239 0.62 -30.00 -0.83
C PHE B 239 0.52 -31.29 -1.65
N ALA B 240 1.64 -31.76 -2.20
CA ALA B 240 1.66 -32.98 -2.96
C ALA B 240 1.22 -34.14 -2.09
N TYR B 241 1.81 -34.22 -0.90
CA TYR B 241 1.49 -35.25 0.11
C TYR B 241 0.02 -35.23 0.53
N TYR B 242 -0.49 -34.03 0.77
CA TYR B 242 -1.86 -33.83 1.20
C TYR B 242 -2.83 -34.25 0.12
N TYR B 243 -2.59 -33.79 -1.09
CA TYR B 243 -3.48 -34.09 -2.21
C TYR B 243 -3.47 -35.56 -2.65
N ASN B 244 -2.31 -36.20 -2.58
CA ASN B 244 -2.17 -37.60 -2.91
C ASN B 244 -2.83 -38.50 -1.88
N LYS B 245 -2.82 -38.07 -0.62
CA LYS B 245 -3.46 -38.78 0.48
C LYS B 245 -4.97 -38.46 0.55
N HIS B 246 -5.32 -37.22 0.23
CA HIS B 246 -6.67 -36.71 0.46
C HIS B 246 -7.04 -35.70 -0.66
N PRO B 247 -7.33 -36.20 -1.87
CA PRO B 247 -7.56 -35.36 -3.06
C PRO B 247 -8.72 -34.33 -2.96
N GLU B 248 -9.69 -34.64 -2.11
CA GLU B 248 -10.82 -33.77 -1.83
C GLU B 248 -10.41 -32.57 -0.96
N GLY B 249 -9.21 -32.65 -0.40
CA GLY B 249 -8.64 -31.59 0.41
C GLY B 249 -8.48 -30.31 -0.37
N SER B 250 -8.43 -29.21 0.33
CA SER B 250 -8.37 -27.91 -0.29
C SER B 250 -7.52 -26.97 0.55
N VAL B 251 -6.95 -25.98 -0.10
CA VAL B 251 -5.93 -25.14 0.50
C VAL B 251 -6.27 -23.68 0.19
N ASN B 252 -6.17 -22.81 1.17
CA ASN B 252 -6.41 -21.39 0.96
C ASN B 252 -5.18 -20.69 0.34
N ASP B 253 -5.25 -19.38 0.22
CA ASP B 253 -4.31 -18.56 -0.53
C ASP B 253 -3.43 -17.71 0.37
N ARG B 254 -3.19 -18.13 1.60
CA ARG B 254 -2.43 -17.33 2.55
C ARG B 254 -1.09 -17.95 2.91
N TRP B 255 -0.51 -18.65 1.94
CA TRP B 255 0.75 -19.34 2.13
C TRP B 255 1.94 -18.56 1.59
N GLY B 256 1.70 -17.57 0.72
CA GLY B 256 2.77 -16.80 0.10
C GLY B 256 3.51 -17.56 -0.99
N VAL B 257 2.82 -18.51 -1.63
CA VAL B 257 3.37 -19.24 -2.78
C VAL B 257 2.36 -19.27 -3.96
N PRO B 258 2.81 -19.69 -5.14
CA PRO B 258 1.97 -19.66 -6.35
C PRO B 258 0.72 -20.57 -6.39
N HIS B 259 0.52 -21.42 -5.41
CA HIS B 259 -0.60 -22.35 -5.43
C HIS B 259 -1.69 -22.02 -4.39
N TRP B 260 -2.93 -22.13 -4.80
CA TRP B 260 -4.09 -22.15 -3.90
C TRP B 260 -5.30 -22.78 -4.59
N ASP B 261 -6.25 -23.25 -3.81
CA ASP B 261 -7.49 -23.81 -4.33
C ASP B 261 -8.58 -22.76 -4.34
N PHE B 262 -8.56 -21.86 -3.36
CA PHE B 262 -9.46 -20.70 -3.32
C PHE B 262 -8.80 -19.50 -2.67
N LYS B 263 -9.31 -18.31 -2.97
CA LYS B 263 -8.78 -17.09 -2.39
C LYS B 263 -9.65 -16.69 -1.22
N THR B 264 -9.09 -15.90 -0.30
CA THR B 264 -9.79 -15.42 0.86
C THR B 264 -9.87 -13.89 0.80
N ALA B 265 -10.93 -13.36 1.39
CA ALA B 265 -11.13 -11.92 1.51
C ALA B 265 -11.65 -11.64 2.90
N GLU B 266 -11.25 -10.51 3.47
CA GLU B 266 -11.79 -10.01 4.73
C GLU B 266 -12.47 -8.64 4.61
N TYR B 267 -12.40 -8.01 3.43
CA TYR B 267 -13.00 -6.68 3.25
C TYR B 267 -13.98 -6.55 2.08
N HIS B 268 -14.09 -7.59 1.24
CA HIS B 268 -15.20 -7.73 0.28
C HIS B 268 -15.34 -6.52 -0.65
N LEU B 275 -17.71 -10.55 -12.06
CA LEU B 275 -17.69 -11.95 -11.69
C LEU B 275 -16.29 -12.53 -11.82
N PRO B 276 -15.68 -12.90 -10.69
CA PRO B 276 -14.44 -13.68 -10.71
C PRO B 276 -14.61 -15.05 -11.37
N GLY B 277 -13.63 -15.44 -12.19
CA GLY B 277 -13.58 -16.79 -12.73
C GLY B 277 -12.99 -17.81 -11.77
N TYR B 278 -12.61 -17.37 -10.56
CA TYR B 278 -11.96 -18.25 -9.56
C TYR B 278 -12.77 -18.37 -8.27
N LYS B 279 -12.56 -19.44 -7.53
CA LYS B 279 -13.23 -19.66 -6.26
C LYS B 279 -12.60 -18.85 -5.13
N TRP B 280 -13.45 -18.26 -4.30
CA TRP B 280 -13.00 -17.47 -3.18
C TRP B 280 -13.98 -17.56 -2.02
N GLU B 281 -13.56 -16.99 -0.90
CA GLU B 281 -14.29 -17.13 0.34
C GLU B 281 -14.10 -15.87 1.20
N PHE B 282 -15.22 -15.28 1.61
CA PHE B 282 -15.24 -14.11 2.48
C PHE B 282 -15.38 -14.63 3.89
N THR B 283 -14.60 -14.07 4.81
CA THR B 283 -14.68 -14.43 6.20
C THR B 283 -14.78 -13.17 7.07
N ARG B 284 -15.69 -13.22 8.03
CA ARG B 284 -15.81 -12.20 9.06
C ARG B 284 -16.44 -12.84 10.27
N GLY B 285 -16.40 -12.13 11.40
CA GLY B 285 -17.11 -12.55 12.59
C GLY B 285 -18.53 -12.04 12.55
N ILE B 286 -19.38 -12.60 13.39
CA ILE B 286 -20.74 -12.08 13.53
C ILE B 286 -20.63 -10.62 13.97
N GLY B 287 -19.67 -10.34 14.85
CA GLY B 287 -19.30 -8.98 15.16
C GLY B 287 -18.05 -8.53 14.43
N LEU B 288 -17.24 -7.72 15.10
CA LEU B 288 -16.00 -7.20 14.54
C LEU B 288 -14.83 -8.15 14.84
N SER B 289 -14.71 -8.57 16.09
CA SER B 289 -13.65 -9.47 16.51
C SER B 289 -13.87 -10.93 16.00
N PHE B 290 -12.81 -11.72 15.96
CA PHE B 290 -12.96 -13.15 15.73
C PHE B 290 -13.05 -13.89 17.07
N GLY B 291 -12.09 -13.62 17.95
CA GLY B 291 -12.11 -14.16 19.30
C GLY B 291 -13.20 -13.49 20.12
N TYR B 292 -13.68 -14.18 21.14
CA TYR B 292 -14.74 -13.64 22.00
C TYR B 292 -14.28 -12.28 22.54
N ASN B 293 -15.16 -11.29 22.47
CA ASN B 293 -14.89 -9.98 23.06
C ASN B 293 -16.09 -9.51 23.88
N ARG B 294 -15.94 -9.55 25.21
CA ARG B 294 -16.91 -9.01 26.18
C ARG B 294 -17.42 -7.63 25.84
N ASN B 295 -16.47 -6.79 25.44
CA ASN B 295 -16.66 -5.36 25.23
C ASN B 295 -17.37 -4.99 23.93
N GLU B 296 -17.91 -5.98 23.21
CA GLU B 296 -18.47 -5.75 21.87
C GLU B 296 -19.92 -5.28 21.97
N GLY B 297 -20.87 -6.22 22.02
CA GLY B 297 -22.29 -5.85 22.12
C GLY B 297 -22.95 -5.70 20.77
N PRO B 298 -24.29 -5.79 20.73
CA PRO B 298 -25.01 -6.02 19.46
C PRO B 298 -25.07 -4.83 18.48
N GLU B 299 -24.44 -3.70 18.82
CA GLU B 299 -24.38 -2.56 17.91
C GLU B 299 -23.27 -2.70 16.88
N HIS B 300 -22.26 -3.51 17.18
CA HIS B 300 -21.19 -3.86 16.23
C HIS B 300 -21.45 -5.21 15.53
N MET B 301 -22.64 -5.77 15.73
CA MET B 301 -22.95 -7.11 15.23
C MET B 301 -23.98 -7.06 14.11
N LEU B 302 -23.80 -7.95 13.14
CA LEU B 302 -24.78 -8.10 12.08
C LEU B 302 -26.07 -8.68 12.64
N SER B 303 -27.19 -8.16 12.17
CA SER B 303 -28.50 -8.77 12.40
C SER B 303 -28.59 -10.02 11.55
N VAL B 304 -29.59 -10.86 11.82
CA VAL B 304 -29.87 -12.02 10.98
C VAL B 304 -30.05 -11.56 9.53
N GLU B 305 -30.81 -10.49 9.33
CA GLU B 305 -31.03 -9.87 8.01
C GLU B 305 -29.73 -9.60 7.23
N GLN B 306 -28.78 -8.91 7.86
CA GLN B 306 -27.54 -8.52 7.18
C GLN B 306 -26.65 -9.72 6.91
N LEU B 307 -26.79 -10.75 7.73
CA LEU B 307 -26.05 -11.98 7.55
C LEU B 307 -26.56 -12.75 6.35
N VAL B 308 -27.87 -12.73 6.15
CA VAL B 308 -28.50 -13.36 5.00
C VAL B 308 -28.12 -12.60 3.73
N TYR B 309 -28.20 -11.27 3.76
CA TYR B 309 -27.82 -10.44 2.61
C TYR B 309 -26.35 -10.64 2.22
N THR B 310 -25.49 -10.73 3.22
CA THR B 310 -24.07 -10.93 2.97
C THR B 310 -23.82 -12.28 2.32
N LEU B 311 -24.42 -13.33 2.88
CA LEU B 311 -24.29 -14.67 2.32
C LEU B 311 -24.77 -14.69 0.86
N VAL B 312 -25.91 -14.06 0.62
CA VAL B 312 -26.52 -14.04 -0.70
C VAL B 312 -25.64 -13.29 -1.70
N ASP B 313 -25.11 -12.15 -1.29
CA ASP B 313 -24.22 -11.34 -2.13
C ASP B 313 -22.94 -12.13 -2.49
N VAL B 314 -22.30 -12.68 -1.46
CA VAL B 314 -21.09 -13.47 -1.63
C VAL B 314 -21.32 -14.64 -2.60
N VAL B 315 -22.43 -15.36 -2.44
CA VAL B 315 -22.69 -16.56 -3.24
C VAL B 315 -22.99 -16.24 -4.71
N SER B 316 -23.68 -15.12 -4.93
CA SER B 316 -23.98 -14.62 -6.27
C SER B 316 -22.71 -14.20 -7.01
N LYS B 317 -21.65 -13.92 -6.26
CA LYS B 317 -20.36 -13.53 -6.82
C LYS B 317 -19.33 -14.66 -6.80
N GLY B 318 -19.80 -15.90 -6.67
CA GLY B 318 -18.93 -17.06 -6.76
C GLY B 318 -18.25 -17.48 -5.47
N GLY B 319 -18.53 -16.77 -4.37
CA GLY B 319 -17.88 -17.06 -3.09
C GLY B 319 -18.60 -18.00 -2.13
N ASN B 320 -17.85 -18.43 -1.12
CA ASN B 320 -18.36 -19.07 0.08
C ASN B 320 -18.24 -18.06 1.21
N LEU B 321 -19.16 -18.10 2.17
CA LEU B 321 -19.03 -17.33 3.40
C LEU B 321 -18.49 -18.25 4.50
N LEU B 322 -17.41 -17.82 5.14
CA LEU B 322 -16.85 -18.47 6.32
C LEU B 322 -17.13 -17.57 7.50
N LEU B 323 -18.19 -17.87 8.24
CA LEU B 323 -18.67 -17.02 9.32
C LEU B 323 -18.05 -17.48 10.61
N ASN B 324 -17.49 -16.54 11.34
CA ASN B 324 -16.73 -16.84 12.55
C ASN B 324 -17.57 -16.75 13.81
N VAL B 325 -17.23 -17.63 14.74
CA VAL B 325 -17.80 -17.72 16.06
C VAL B 325 -16.62 -17.69 17.03
N GLY B 326 -16.72 -16.84 18.04
CA GLY B 326 -15.71 -16.72 19.07
C GLY B 326 -16.28 -17.19 20.40
N PRO B 327 -15.97 -18.43 20.78
CA PRO B 327 -16.47 -18.99 22.05
C PRO B 327 -15.74 -18.42 23.25
N LYS B 328 -16.38 -18.50 24.41
CA LYS B 328 -15.77 -18.12 25.67
C LYS B 328 -14.76 -19.17 26.08
N GLY B 329 -13.91 -18.82 27.03
CA GLY B 329 -12.88 -19.72 27.53
C GLY B 329 -13.44 -21.02 28.08
N ASP B 330 -14.65 -20.97 28.65
CA ASP B 330 -15.26 -22.15 29.24
C ASP B 330 -15.89 -23.11 28.21
N GLY B 331 -15.89 -22.72 26.94
CA GLY B 331 -16.41 -23.55 25.85
C GLY B 331 -17.87 -23.33 25.50
N THR B 332 -18.47 -22.23 25.97
CA THR B 332 -19.83 -21.87 25.59
C THR B 332 -19.79 -20.80 24.51
N ILE B 333 -20.73 -20.85 23.58
CA ILE B 333 -20.83 -19.86 22.53
C ILE B 333 -21.77 -18.75 23.00
N PRO B 334 -21.34 -17.48 22.97
CA PRO B 334 -22.16 -16.36 23.42
C PRO B 334 -23.59 -16.36 22.87
N ASP B 335 -24.56 -16.00 23.71
CA ASP B 335 -25.97 -16.06 23.36
C ASP B 335 -26.28 -15.36 22.04
N LEU B 336 -25.77 -14.15 21.88
CA LEU B 336 -26.02 -13.35 20.67
C LEU B 336 -25.58 -14.12 19.45
N GLN B 337 -24.37 -14.68 19.50
CA GLN B 337 -23.80 -15.41 18.38
C GLN B 337 -24.67 -16.60 18.02
N KCX B 338 -25.10 -17.34 19.04
CA KCX B 338 -26.01 -18.47 18.86
CB KCX B 338 -26.40 -19.09 20.20
CG KCX B 338 -25.35 -19.98 20.84
CD KCX B 338 -26.01 -20.96 21.82
CE KCX B 338 -24.97 -21.76 22.65
NZ KCX B 338 -25.50 -22.04 24.02
C KCX B 338 -27.26 -18.01 18.12
O KCX B 338 -27.63 -18.62 17.12
N GLU B 339 -27.91 -16.95 18.60
CA GLU B 339 -29.19 -16.48 18.06
C GLU B 339 -29.06 -16.18 16.58
N ARG B 340 -27.97 -15.54 16.21
CA ARG B 340 -27.74 -15.11 14.84
C ARG B 340 -27.49 -16.30 13.91
N LEU B 341 -26.71 -17.29 14.37
CA LEU B 341 -26.48 -18.53 13.63
C LEU B 341 -27.79 -19.27 13.39
N LEU B 342 -28.60 -19.41 14.45
CA LEU B 342 -29.89 -20.11 14.36
C LEU B 342 -30.89 -19.39 13.44
N GLY B 343 -30.88 -18.07 13.44
CA GLY B 343 -31.72 -17.29 12.53
C GLY B 343 -31.23 -17.41 11.09
N LEU B 344 -29.93 -17.51 10.91
CA LEU B 344 -29.36 -17.72 9.59
C LEU B 344 -29.78 -19.10 9.08
N GLY B 345 -29.75 -20.07 9.99
CA GLY B 345 -30.12 -21.43 9.70
C GLY B 345 -31.56 -21.59 9.32
N GLU B 346 -32.44 -20.78 9.92
CA GLU B 346 -33.87 -20.85 9.61
C GLU B 346 -34.13 -20.34 8.20
N TRP B 347 -33.48 -19.23 7.84
CA TRP B 347 -33.52 -18.73 6.48
C TRP B 347 -33.00 -19.78 5.49
N LEU B 348 -31.89 -20.44 5.83
CA LEU B 348 -31.29 -21.44 4.92
C LEU B 348 -32.14 -22.71 4.78
N ARG B 349 -32.89 -23.05 5.83
CA ARG B 349 -33.82 -24.17 5.75
C ARG B 349 -34.94 -23.90 4.74
N LYS B 350 -35.36 -22.64 4.61
CA LYS B 350 -36.37 -22.25 3.62
C LYS B 350 -35.78 -22.12 2.22
N TYR B 351 -34.67 -21.40 2.12
CA TYR B 351 -34.18 -20.90 0.84
C TYR B 351 -32.88 -21.57 0.40
N GLY B 352 -32.55 -22.71 1.01
CA GLY B 352 -31.28 -23.37 0.74
C GLY B 352 -31.06 -23.82 -0.69
N ASP B 353 -32.13 -24.20 -1.39
CA ASP B 353 -32.05 -24.65 -2.78
C ASP B 353 -31.45 -23.58 -3.70
N ALA B 354 -31.72 -22.32 -3.38
CA ALA B 354 -31.24 -21.18 -4.15
C ALA B 354 -29.80 -20.77 -3.78
N ILE B 355 -29.18 -21.51 -2.87
CA ILE B 355 -27.82 -21.21 -2.40
C ILE B 355 -26.89 -22.42 -2.59
N TYR B 356 -27.16 -23.50 -1.87
CA TYR B 356 -26.34 -24.73 -1.96
C TYR B 356 -26.32 -25.27 -3.39
N GLY B 357 -25.13 -25.64 -3.86
CA GLY B 357 -24.99 -26.27 -5.16
C GLY B 357 -25.17 -25.39 -6.38
N THR B 358 -25.27 -24.06 -6.18
CA THR B 358 -25.50 -23.13 -7.29
C THR B 358 -24.19 -22.66 -7.90
N SER B 359 -24.32 -22.09 -9.09
CA SER B 359 -23.25 -21.40 -9.80
C SER B 359 -23.68 -19.96 -10.03
N VAL B 360 -22.73 -19.11 -10.39
CA VAL B 360 -23.05 -17.72 -10.73
C VAL B 360 -23.79 -17.67 -12.08
N TRP B 361 -24.64 -16.67 -12.23
CA TRP B 361 -25.39 -16.43 -13.47
C TRP B 361 -24.59 -15.50 -14.39
N GLU B 362 -25.25 -14.88 -15.38
CA GLU B 362 -24.60 -13.94 -16.30
C GLU B 362 -24.05 -12.73 -15.56
N ARG B 363 -24.75 -12.33 -14.50
CA ARG B 363 -24.24 -11.30 -13.62
C ARG B 363 -24.76 -11.54 -12.21
N CYS B 364 -24.05 -10.98 -11.24
CA CYS B 364 -24.43 -11.12 -9.85
C CYS B 364 -25.73 -10.37 -9.55
N CYS B 365 -25.84 -9.15 -10.10
CA CYS B 365 -26.70 -8.14 -9.49
C CYS B 365 -27.67 -7.43 -10.44
N ALA B 366 -28.73 -6.90 -9.84
CA ALA B 366 -29.68 -6.00 -10.48
C ALA B 366 -30.36 -5.17 -9.40
N LYS B 367 -31.30 -4.31 -9.77
CA LYS B 367 -32.09 -3.58 -8.78
C LYS B 367 -33.48 -3.23 -9.30
N THR B 368 -34.44 -3.01 -8.41
CA THR B 368 -35.79 -2.64 -8.81
C THR B 368 -35.90 -1.13 -9.02
N GLU B 369 -37.08 -0.69 -9.44
CA GLU B 369 -37.37 0.72 -9.62
C GLU B 369 -37.32 1.43 -8.26
N ASP B 370 -37.86 0.76 -7.24
CA ASP B 370 -37.86 1.24 -5.87
C ASP B 370 -36.47 1.39 -5.25
N GLY B 371 -35.50 0.62 -5.73
CA GLY B 371 -34.15 0.65 -5.20
C GLY B 371 -33.76 -0.60 -4.40
N THR B 372 -34.55 -1.66 -4.52
CA THR B 372 -34.24 -2.93 -3.85
C THR B 372 -33.16 -3.69 -4.60
N GLU B 373 -32.06 -4.01 -3.93
CA GLU B 373 -30.99 -4.79 -4.55
C GLU B 373 -31.47 -6.22 -4.82
N ILE B 374 -30.96 -6.80 -5.90
CA ILE B 374 -31.32 -8.14 -6.33
C ILE B 374 -30.04 -8.92 -6.59
N ARG B 375 -30.06 -10.21 -6.28
CA ARG B 375 -28.92 -11.08 -6.53
C ARG B 375 -29.38 -12.33 -7.27
N PHE B 376 -28.53 -12.83 -8.16
CA PHE B 376 -28.84 -14.01 -8.99
C PHE B 376 -27.92 -15.17 -8.63
N THR B 377 -28.51 -16.36 -8.50
CA THR B 377 -27.78 -17.62 -8.54
C THR B 377 -28.43 -18.53 -9.57
N ARG B 378 -27.77 -19.64 -9.89
CA ARG B 378 -28.15 -20.51 -10.99
C ARG B 378 -27.96 -21.97 -10.61
N LYS B 379 -28.96 -22.79 -10.92
CA LYS B 379 -28.84 -24.24 -10.80
C LYS B 379 -29.33 -24.84 -12.12
N CYS B 380 -28.40 -25.26 -12.97
CA CYS B 380 -28.71 -25.71 -14.33
C CYS B 380 -29.34 -24.58 -15.17
N ASN B 381 -30.57 -24.79 -15.61
CA ASN B 381 -31.33 -23.81 -16.42
C ASN B 381 -32.04 -22.79 -15.54
N ARG B 382 -32.15 -23.08 -14.25
CA ARG B 382 -32.83 -22.20 -13.30
C ARG B 382 -31.95 -21.03 -12.87
N ILE B 383 -32.55 -19.85 -12.82
CA ILE B 383 -31.88 -18.64 -12.34
C ILE B 383 -32.72 -18.13 -11.18
N PHE B 384 -32.17 -18.19 -9.97
CA PHE B 384 -32.85 -17.68 -8.79
C PHE B 384 -32.63 -16.19 -8.69
N VAL B 385 -33.70 -15.47 -8.39
CA VAL B 385 -33.68 -14.03 -8.28
C VAL B 385 -33.95 -13.69 -6.83
N ILE B 386 -32.91 -13.33 -6.09
CA ILE B 386 -33.00 -13.15 -4.66
C ILE B 386 -32.98 -11.67 -4.32
N PHE B 387 -34.08 -11.19 -3.77
CA PHE B 387 -34.24 -9.81 -3.39
C PHE B 387 -33.70 -9.63 -1.99
N LEU B 388 -32.79 -8.68 -1.81
CA LEU B 388 -32.30 -8.34 -0.49
C LEU B 388 -33.34 -7.41 0.16
N GLY B 389 -34.44 -8.02 0.58
CA GLY B 389 -35.60 -7.31 1.06
C GLY B 389 -36.86 -7.89 0.42
N ILE B 390 -38.02 -7.55 0.98
CA ILE B 390 -39.30 -7.97 0.41
C ILE B 390 -40.03 -6.70 -0.03
N PRO B 391 -40.23 -6.53 -1.34
CA PRO B 391 -40.98 -5.37 -1.87
C PRO B 391 -42.40 -5.25 -1.30
N THR B 392 -42.95 -4.05 -1.27
CA THR B 392 -44.25 -3.76 -0.63
C THR B 392 -45.47 -4.04 -1.52
N GLY B 393 -45.31 -3.86 -2.83
CA GLY B 393 -46.43 -3.91 -3.77
C GLY B 393 -46.36 -5.13 -4.67
N GLU B 394 -47.45 -5.39 -5.39
CA GLU B 394 -47.53 -6.54 -6.29
C GLU B 394 -46.71 -6.33 -7.57
N LYS B 395 -46.71 -5.11 -8.10
CA LYS B 395 -45.95 -4.80 -9.31
C LYS B 395 -44.48 -4.58 -8.94
N ILE B 396 -43.65 -5.57 -9.23
CA ILE B 396 -42.18 -5.43 -9.13
C ILE B 396 -41.60 -5.15 -10.51
N VAL B 397 -40.74 -4.15 -10.61
CA VAL B 397 -40.05 -3.82 -11.87
C VAL B 397 -38.55 -3.93 -11.67
N ILE B 398 -37.91 -4.87 -12.36
CA ILE B 398 -36.46 -5.03 -12.33
C ILE B 398 -35.84 -4.27 -13.49
N GLU B 399 -34.83 -3.46 -13.19
CA GLU B 399 -34.19 -2.61 -14.20
C GLU B 399 -33.19 -3.41 -15.04
N ASP B 400 -32.98 -2.95 -16.28
CA ASP B 400 -31.95 -3.47 -17.20
C ASP B 400 -31.94 -4.99 -17.41
N LEU B 401 -33.08 -5.65 -17.20
CA LEU B 401 -33.15 -7.11 -17.33
C LEU B 401 -34.27 -7.54 -18.28
N ASN B 402 -33.95 -8.53 -19.12
CA ASN B 402 -34.96 -9.16 -19.97
C ASN B 402 -34.85 -10.69 -19.89
N LEU B 403 -36.00 -11.34 -19.97
CA LEU B 403 -36.11 -12.79 -19.95
C LEU B 403 -36.79 -13.26 -21.23
N SER B 404 -36.25 -14.31 -21.86
CA SER B 404 -36.93 -14.95 -22.97
C SER B 404 -38.17 -15.69 -22.44
N ALA B 405 -38.92 -16.35 -23.33
CA ALA B 405 -40.13 -17.07 -22.93
C ALA B 405 -39.83 -18.23 -21.97
N GLY B 406 -40.65 -18.36 -20.92
CA GLY B 406 -40.49 -19.43 -19.94
C GLY B 406 -41.57 -19.47 -18.87
N THR B 407 -41.17 -19.81 -17.65
CA THR B 407 -42.06 -19.77 -16.48
C THR B 407 -41.33 -19.19 -15.26
N VAL B 408 -41.89 -18.12 -14.70
CA VAL B 408 -41.39 -17.54 -13.47
C VAL B 408 -42.33 -17.94 -12.33
N ARG B 409 -41.75 -18.42 -11.22
CA ARG B 409 -42.49 -18.92 -10.08
C ARG B 409 -42.02 -18.26 -8.78
N HIS B 410 -42.94 -18.12 -7.84
CA HIS B 410 -42.61 -17.76 -6.47
C HIS B 410 -41.88 -18.96 -5.89
N PHE B 411 -40.71 -18.74 -5.31
CA PHE B 411 -39.85 -19.87 -4.94
C PHE B 411 -40.41 -20.70 -3.77
N LEU B 412 -40.87 -20.04 -2.71
CA LEU B 412 -41.25 -20.75 -1.50
C LEU B 412 -42.49 -21.64 -1.65
N THR B 413 -43.52 -21.12 -2.33
CA THR B 413 -44.77 -21.86 -2.59
C THR B 413 -44.82 -22.56 -3.97
N GLY B 414 -43.93 -22.17 -4.88
CA GLY B 414 -43.93 -22.68 -6.23
C GLY B 414 -45.02 -22.13 -7.13
N GLU B 415 -45.75 -21.12 -6.65
CA GLU B 415 -46.91 -20.59 -7.36
C GLU B 415 -46.49 -19.91 -8.67
N ARG B 416 -47.19 -20.20 -9.76
CA ARG B 416 -46.90 -19.57 -11.05
C ARG B 416 -47.18 -18.07 -10.99
N LEU B 417 -46.43 -17.30 -11.78
CA LEU B 417 -46.52 -15.85 -11.75
C LEU B 417 -46.55 -15.25 -13.16
N SER B 418 -47.31 -14.17 -13.32
CA SER B 418 -47.33 -13.43 -14.58
C SER B 418 -46.10 -12.54 -14.68
N PHE B 419 -45.41 -12.62 -15.80
CA PHE B 419 -44.24 -11.77 -16.06
C PHE B 419 -44.26 -11.28 -17.49
N LYS B 420 -43.60 -10.16 -17.75
CA LYS B 420 -43.55 -9.54 -19.06
C LYS B 420 -42.28 -8.70 -19.21
N ASN B 421 -41.78 -8.59 -20.44
CA ASN B 421 -40.67 -7.69 -20.77
C ASN B 421 -41.23 -6.34 -21.18
N VAL B 422 -40.82 -5.27 -20.48
CA VAL B 422 -41.27 -3.90 -20.77
C VAL B 422 -40.09 -2.98 -21.03
N GLY B 423 -39.75 -2.79 -22.30
CA GLY B 423 -38.57 -2.03 -22.68
C GLY B 423 -37.33 -2.83 -22.32
N LYS B 424 -36.40 -2.19 -21.61
CA LYS B 424 -35.19 -2.87 -21.12
C LYS B 424 -35.44 -3.52 -19.74
N ASN B 425 -36.55 -3.17 -19.09
CA ASN B 425 -36.92 -3.70 -17.77
C ASN B 425 -37.80 -4.97 -17.83
N LEU B 426 -38.05 -5.57 -16.67
CA LEU B 426 -38.88 -6.77 -16.55
C LEU B 426 -39.93 -6.57 -15.47
N GLU B 427 -41.20 -6.53 -15.85
CA GLU B 427 -42.30 -6.43 -14.90
C GLU B 427 -42.79 -7.82 -14.48
N ILE B 428 -42.64 -8.13 -13.19
CA ILE B 428 -43.23 -9.33 -12.59
C ILE B 428 -44.31 -8.88 -11.61
N THR B 429 -45.40 -9.65 -11.53
CA THR B 429 -46.50 -9.36 -10.63
C THR B 429 -46.65 -10.47 -9.61
N VAL B 430 -46.43 -10.15 -8.34
CA VAL B 430 -46.44 -11.11 -7.23
C VAL B 430 -47.56 -10.79 -6.24
N PRO B 431 -48.48 -11.72 -6.03
CA PRO B 431 -49.58 -11.51 -5.06
C PRO B 431 -49.04 -11.19 -3.67
N LYS B 432 -49.71 -10.28 -2.96
CA LYS B 432 -49.35 -9.91 -1.59
C LYS B 432 -49.36 -11.15 -0.70
N LYS B 433 -50.34 -12.03 -0.89
CA LYS B 433 -50.44 -13.27 -0.12
C LYS B 433 -49.13 -14.06 -0.09
N LEU B 434 -48.44 -14.12 -1.22
CA LEU B 434 -47.14 -14.80 -1.31
C LEU B 434 -46.03 -13.99 -0.66
N LEU B 435 -46.02 -12.68 -0.88
CA LEU B 435 -44.99 -11.82 -0.30
C LEU B 435 -44.94 -11.93 1.22
N GLU B 436 -46.11 -11.96 1.87
CA GLU B 436 -46.25 -12.10 3.32
C GLU B 436 -45.73 -13.45 3.83
N THR B 437 -45.58 -14.40 2.91
CA THR B 437 -45.05 -15.74 3.17
C THR B 437 -43.51 -15.75 3.31
N ASP B 438 -42.83 -14.88 2.57
CA ASP B 438 -41.37 -14.87 2.60
C ASP B 438 -40.81 -14.31 3.88
N SER B 439 -39.56 -14.67 4.14
CA SER B 439 -38.81 -14.17 5.27
C SER B 439 -37.50 -13.56 4.79
N ILE B 440 -37.36 -12.25 5.03
CA ILE B 440 -36.13 -11.47 4.77
C ILE B 440 -35.91 -11.16 3.28
N THR B 441 -35.98 -12.21 2.46
CA THR B 441 -35.77 -12.09 1.02
C THR B 441 -36.98 -12.60 0.26
N LEU B 442 -37.45 -11.83 -0.72
CA LEU B 442 -38.34 -12.34 -1.74
C LEU B 442 -37.46 -13.16 -2.66
N VAL B 443 -37.85 -14.39 -2.94
CA VAL B 443 -37.12 -15.22 -3.90
C VAL B 443 -38.07 -15.70 -4.97
N LEU B 444 -37.69 -15.45 -6.22
CA LEU B 444 -38.37 -15.95 -7.40
C LEU B 444 -37.45 -16.93 -8.13
N GLU B 445 -37.92 -17.46 -9.27
CA GLU B 445 -37.25 -18.58 -9.91
C GLU B 445 -37.73 -18.74 -11.37
N ALA B 446 -36.81 -18.56 -12.31
CA ALA B 446 -37.17 -18.53 -13.72
C ALA B 446 -36.49 -19.67 -14.48
N VAL B 447 -37.30 -20.46 -15.19
CA VAL B 447 -36.81 -21.49 -16.09
C VAL B 447 -36.99 -20.96 -17.50
N GLU B 448 -35.88 -20.72 -18.20
CA GLU B 448 -35.93 -20.16 -19.55
C GLU B 448 -36.33 -21.23 -20.56
C1 FUF C . 9.06 10.97 -11.64
C1 FUF C . 10.17 10.17 -12.62
C2 FUF C . 8.70 11.03 -13.14
C2 FUF C . 9.32 10.70 -13.81
C3 FUF C . 8.38 12.48 -13.56
C3 FUF C . 8.73 12.09 -13.53
C4 FUF C . 9.57 13.41 -13.21
C4 FUF C . 9.87 13.00 -13.14
C5 FUF C . 9.89 13.24 -11.71
C5 FUF C . 10.43 12.50 -11.79
C6 FUF C . 11.09 14.07 -11.25
C6 FUF C . 11.85 13.00 -11.52
O1 FUF C . 9.40 9.66 -11.24
F2 FUF C . 7.59 10.17 -13.37
F2 FUF C . 8.21 9.82 -14.05
O3 FUF C . 8.17 12.56 -14.94
O3 FUF C . 8.11 12.62 -14.70
O4 FUF C . 10.71 13.06 -13.99
O4 FUF C . 10.89 12.98 -14.14
O5 FUF C . 10.16 11.86 -11.42
O5 FUF C . 10.43 11.07 -11.52
C1 FUF D . -6.36 -12.50 10.00
C1 FUF D . -5.43 -13.80 10.31
C2 FUF D . -5.86 -12.70 11.44
C2 FUF D . -5.36 -13.32 11.78
C3 FUF D . -7.06 -12.70 12.42
C3 FUF D . -6.74 -12.88 12.30
C4 FUF D . -8.06 -13.79 12.02
C4 FUF D . -7.78 -13.92 11.93
C5 FUF D . -8.46 -13.61 10.54
C5 FUF D . -7.89 -13.97 10.38
C6 FUF D . -9.34 -14.74 10.01
C6 FUF D . -8.57 -15.27 9.91
O1 FUF D . -5.29 -12.57 9.10
F2 FUF D . -4.95 -11.65 11.77
F2 FUF D . -4.50 -12.21 11.91
O3 FUF D . -6.62 -12.98 13.74
O3 FUF D . -6.71 -12.82 13.72
O4 FUF D . -7.46 -15.07 12.16
O4 FUF D . -7.35 -15.20 12.39
O5 FUF D . -7.31 -13.53 9.71
O5 FUF D . -6.69 -13.72 9.62
#